data_3UE8
#
_entry.id   3UE8
#
_cell.length_a   63.616
_cell.length_b   116.597
_cell.length_c   129.267
_cell.angle_alpha   90.00
_cell.angle_beta   90.00
_cell.angle_gamma   90.00
#
_symmetry.space_group_name_H-M   'P 21 21 21'
#
loop_
_entity.id
_entity.type
_entity.pdbx_description
1 polymer 'Kynurenine/alpha-aminoadipate aminotransferase, mitochondrial'
2 non-polymer '(5-hydroxy-4-{[(1-hydroxy-2-oxo-1,2-dihydroquinolin-3-yl)amino]methyl}-6-methylpyridin-3-yl)methyl dihydrogen phosphate'
3 non-polymer 'CHLORIDE ION'
#
_entity_poly.entity_id   1
_entity_poly.type   'polypeptide(L)'
_entity_poly.pdbx_seq_one_letter_code
;MNYARFITAASAARNPSPIRTMTDILSRGPKSMISLAGGLPNPNMFPFKTAVITVENGKTIQFGEEMMKRALQYSPSAGI
PELLSWLKQLQIKLHNPPTIHYPPSQGQMDLCVTSGSQQGLCKVFEMIINPGDNVLLDEPAYSGTLQSLHPLGCNIINVA
SDESGIVPDSLRDILSRWKPEDAKNPQKNTPKFLYTVPNGNNPTGNSLTSERKKEIYELARKYDFLIIEDDPYYFLQFNK
FRVPTFLSMDVDGRVIRADSFSKIISSGLRIGFLTGPKPLIERVILHIQVSTLHPSTFNQLMISQLLHEWGEEGFMAHVD
RVIDFYSNQKDAILAAADKWLTGLAEWHVPAAGMFLWIKVKGINDVKELIEEKAVKMGVLMLPGNAFYVDSSAPSPYLRA
SFSSASPEQMDVAFQVLAQLIKESLLVPRGSLEHHHHHH
;
_entity_poly.pdbx_strand_id   A,B
#
# COMPACT_ATOMS: atom_id res chain seq x y z
N MET A 1 16.04 -17.18 -19.00
CA MET A 1 16.24 -16.31 -17.83
C MET A 1 15.86 -16.97 -16.49
N ASN A 2 16.71 -16.77 -15.45
CA ASN A 2 16.49 -17.28 -14.09
C ASN A 2 16.21 -16.12 -13.18
N TYR A 3 14.93 -15.96 -12.85
CA TYR A 3 14.44 -14.91 -12.00
C TYR A 3 14.73 -15.19 -10.50
N ALA A 4 14.78 -16.50 -10.11
CA ALA A 4 15.04 -16.99 -8.76
C ALA A 4 16.26 -16.33 -8.10
N ARG A 5 17.32 -16.05 -8.89
CA ARG A 5 18.54 -15.45 -8.37
C ARG A 5 18.38 -14.05 -7.86
N PHE A 6 17.55 -13.24 -8.55
CA PHE A 6 17.31 -11.83 -8.22
C PHE A 6 16.32 -11.67 -7.10
N ILE A 7 15.67 -12.78 -6.75
CA ILE A 7 14.65 -12.88 -5.73
C ILE A 7 15.15 -13.29 -4.33
N THR A 8 14.45 -12.77 -3.30
CA THR A 8 14.64 -13.03 -1.88
C THR A 8 13.85 -14.27 -1.57
N ALA A 9 14.42 -15.10 -0.70
CA ALA A 9 13.84 -16.37 -0.24
C ALA A 9 12.38 -16.24 0.14
N ALA A 10 12.04 -15.16 0.92
CA ALA A 10 10.65 -14.92 1.35
C ALA A 10 9.71 -14.70 0.16
N SER A 11 10.17 -13.96 -0.88
CA SER A 11 9.36 -13.73 -2.07
C SER A 11 8.98 -15.03 -2.78
N ALA A 12 9.97 -15.93 -2.98
CA ALA A 12 9.75 -17.20 -3.65
C ALA A 12 8.84 -18.07 -2.79
N ALA A 13 8.86 -17.87 -1.46
CA ALA A 13 8.02 -18.59 -0.50
C ALA A 13 6.58 -17.96 -0.39
N ARG A 14 6.25 -17.06 -1.32
CA ARG A 14 4.95 -16.43 -1.35
C ARG A 14 4.00 -17.36 -2.00
N ASN A 15 2.73 -17.22 -1.62
CA ASN A 15 1.72 -18.14 -2.10
C ASN A 15 0.38 -17.51 -2.38
N PRO A 16 -0.24 -17.94 -3.52
CA PRO A 16 -1.61 -17.46 -3.83
C PRO A 16 -2.64 -17.90 -2.76
N ILE A 34 -23.71 -19.69 -7.57
CA ILE A 34 -24.10 -19.71 -6.15
C ILE A 34 -22.86 -19.99 -5.27
N SER A 35 -22.31 -18.94 -4.62
CA SER A 35 -21.11 -19.15 -3.80
C SER A 35 -21.10 -18.53 -2.41
N LEU A 36 -20.97 -19.43 -1.40
CA LEU A 36 -20.86 -19.08 0.02
C LEU A 36 -19.38 -18.98 0.38
N ALA A 37 -18.49 -19.24 -0.60
CA ALA A 37 -17.04 -19.16 -0.45
C ALA A 37 -16.61 -17.69 -0.34
N GLY A 38 -17.31 -16.83 -1.07
CA GLY A 38 -17.08 -15.40 -1.17
C GLY A 38 -16.99 -14.61 0.12
N GLY A 39 -15.75 -14.30 0.51
CA GLY A 39 -15.47 -13.52 1.72
C GLY A 39 -15.63 -12.03 1.48
N LEU A 40 -16.70 -11.64 0.76
CA LEU A 40 -17.02 -10.27 0.37
C LEU A 40 -18.27 -9.77 1.05
N PRO A 41 -18.26 -8.53 1.61
CA PRO A 41 -19.48 -7.99 2.24
C PRO A 41 -20.61 -7.74 1.25
N ASN A 42 -21.87 -7.72 1.75
CA ASN A 42 -23.05 -7.46 0.92
C ASN A 42 -22.95 -6.08 0.32
N PRO A 43 -23.04 -6.00 -1.02
CA PRO A 43 -22.87 -4.71 -1.71
C PRO A 43 -23.94 -3.68 -1.36
N ASN A 44 -25.19 -4.13 -1.21
CA ASN A 44 -26.37 -3.30 -0.93
C ASN A 44 -26.35 -2.63 0.46
N MET A 45 -25.30 -2.88 1.26
CA MET A 45 -25.11 -2.34 2.61
C MET A 45 -24.19 -1.12 2.69
N PHE A 46 -23.58 -0.73 1.56
CA PHE A 46 -22.68 0.41 1.48
C PHE A 46 -23.47 1.73 1.33
N PRO A 47 -23.11 2.81 2.08
CA PRO A 47 -23.91 4.06 2.02
C PRO A 47 -23.94 4.85 0.72
N PHE A 48 -22.77 5.02 0.04
CA PHE A 48 -22.64 5.79 -1.20
C PHE A 48 -23.40 5.08 -2.29
N LYS A 49 -24.50 5.70 -2.77
CA LYS A 49 -25.39 5.08 -3.75
C LYS A 49 -25.12 5.34 -5.24
N THR A 50 -24.93 6.61 -5.65
CA THR A 50 -24.59 6.96 -7.05
C THR A 50 -23.57 8.08 -7.10
N ALA A 51 -22.80 8.14 -8.18
CA ALA A 51 -21.80 9.20 -8.37
C ALA A 51 -21.83 9.81 -9.79
N VAL A 52 -21.53 11.11 -9.87
CA VAL A 52 -21.41 11.82 -11.14
C VAL A 52 -20.17 12.72 -11.07
N ILE A 53 -19.20 12.43 -11.96
CA ILE A 53 -17.92 13.12 -12.03
C ILE A 53 -17.70 13.76 -13.42
N THR A 54 -17.66 15.11 -13.48
CA THR A 54 -17.43 15.82 -14.73
C THR A 54 -15.96 15.96 -15.06
N VAL A 55 -15.66 16.04 -16.37
CA VAL A 55 -14.33 16.16 -16.92
C VAL A 55 -14.30 17.27 -17.97
N GLU A 56 -13.27 18.14 -17.91
CA GLU A 56 -13.11 19.24 -18.87
C GLU A 56 -12.55 18.69 -20.17
N ASN A 57 -13.09 19.20 -21.32
CA ASN A 57 -12.74 18.82 -22.71
C ASN A 57 -12.80 17.26 -22.88
N GLY A 58 -13.78 16.68 -22.22
CA GLY A 58 -14.11 15.26 -22.18
C GLY A 58 -15.56 15.15 -21.78
N LYS A 59 -16.13 13.93 -21.83
CA LYS A 59 -17.56 13.70 -21.48
C LYS A 59 -17.85 13.73 -19.96
N THR A 60 -18.91 13.04 -19.52
CA THR A 60 -19.28 12.97 -18.11
C THR A 60 -19.27 11.52 -17.63
N ILE A 61 -18.68 11.28 -16.46
CA ILE A 61 -18.67 9.92 -15.93
C ILE A 61 -19.91 9.75 -15.05
N GLN A 62 -20.49 8.57 -15.10
CA GLN A 62 -21.66 8.23 -14.32
C GLN A 62 -21.37 6.90 -13.67
N PHE A 63 -21.71 6.80 -12.38
CA PHE A 63 -21.60 5.59 -11.60
C PHE A 63 -23.02 5.36 -11.14
N GLY A 64 -23.71 4.50 -11.86
CA GLY A 64 -25.08 4.13 -11.55
C GLY A 64 -25.08 3.17 -10.38
N GLU A 65 -26.29 2.80 -9.91
CA GLU A 65 -26.50 1.87 -8.80
C GLU A 65 -25.48 0.68 -8.82
N GLU A 66 -25.57 -0.14 -9.89
CA GLU A 66 -24.76 -1.32 -10.15
C GLU A 66 -23.28 -1.00 -10.32
N MET A 67 -22.93 0.11 -11.01
CA MET A 67 -21.53 0.49 -11.19
C MET A 67 -20.89 0.92 -9.86
N MET A 68 -21.68 1.63 -9.02
CA MET A 68 -21.29 2.09 -7.69
C MET A 68 -21.05 0.90 -6.78
N LYS A 69 -21.95 -0.10 -6.81
CA LYS A 69 -21.79 -1.33 -6.01
C LYS A 69 -20.49 -2.04 -6.42
N ARG A 70 -20.14 -1.99 -7.74
CA ARG A 70 -18.91 -2.56 -8.26
C ARG A 70 -17.76 -1.77 -7.65
N ALA A 71 -17.78 -0.43 -7.83
CA ALA A 71 -16.76 0.51 -7.35
C ALA A 71 -16.48 0.41 -5.85
N LEU A 72 -17.52 0.13 -5.03
CA LEU A 72 -17.44 0.06 -3.57
C LEU A 72 -17.03 -1.30 -3.03
N GLN A 73 -17.09 -2.35 -3.89
CA GLN A 73 -16.70 -3.72 -3.56
C GLN A 73 -15.23 -3.96 -3.95
N TYR A 74 -14.62 -5.07 -3.42
CA TYR A 74 -13.27 -5.56 -3.65
C TYR A 74 -13.01 -5.80 -5.14
N SER A 75 -11.72 -5.74 -5.55
CA SER A 75 -11.32 -5.91 -6.93
C SER A 75 -10.15 -6.92 -7.18
N PRO A 76 -10.01 -7.39 -8.46
CA PRO A 76 -8.99 -8.40 -8.82
C PRO A 76 -7.63 -8.54 -8.13
N SER A 77 -6.99 -7.43 -7.63
CA SER A 77 -5.67 -7.41 -6.96
C SER A 77 -4.57 -6.91 -7.86
N ALA A 78 -4.48 -7.39 -9.09
CA ALA A 78 -3.48 -6.88 -10.05
C ALA A 78 -4.06 -5.65 -10.77
N GLY A 79 -5.35 -5.38 -10.56
CA GLY A 79 -6.10 -4.28 -11.17
C GLY A 79 -7.39 -4.69 -11.85
N ILE A 80 -8.28 -3.71 -12.10
CA ILE A 80 -9.56 -3.93 -12.77
C ILE A 80 -9.31 -4.34 -14.26
N PRO A 81 -9.97 -5.44 -14.77
CA PRO A 81 -9.69 -5.95 -16.12
C PRO A 81 -9.54 -4.98 -17.29
N GLU A 82 -10.43 -3.97 -17.34
CA GLU A 82 -10.43 -2.95 -18.41
C GLU A 82 -9.33 -1.87 -18.24
N LEU A 83 -8.91 -1.63 -16.99
CA LEU A 83 -7.78 -0.73 -16.75
C LEU A 83 -6.50 -1.44 -17.21
N LEU A 84 -6.37 -2.76 -16.85
CA LEU A 84 -5.23 -3.61 -17.24
C LEU A 84 -5.11 -3.80 -18.77
N SER A 85 -6.25 -3.94 -19.48
CA SER A 85 -6.31 -4.10 -20.93
C SER A 85 -5.89 -2.80 -21.66
N TRP A 86 -6.52 -1.67 -21.28
CA TRP A 86 -6.26 -0.34 -21.85
C TRP A 86 -4.78 0.04 -21.71
N LEU A 87 -4.22 -0.18 -20.51
CA LEU A 87 -2.81 0.03 -20.18
C LEU A 87 -1.90 -0.92 -21.00
N LYS A 88 -2.24 -2.24 -21.06
CA LYS A 88 -1.51 -3.21 -21.87
C LYS A 88 -1.37 -2.69 -23.33
N GLN A 89 -2.51 -2.25 -23.92
CA GLN A 89 -2.61 -1.68 -25.27
C GLN A 89 -1.70 -0.51 -25.47
N LEU A 90 -1.60 0.36 -24.44
CA LEU A 90 -0.77 1.56 -24.41
C LEU A 90 0.69 1.18 -24.33
N GLN A 91 1.04 0.25 -23.42
CA GLN A 91 2.42 -0.21 -23.27
C GLN A 91 3.00 -0.78 -24.58
N ILE A 92 2.18 -1.50 -25.38
CA ILE A 92 2.55 -2.06 -26.69
C ILE A 92 2.57 -0.88 -27.68
N LYS A 93 1.46 -0.10 -27.75
CA LYS A 93 1.32 1.07 -28.64
C LYS A 93 2.36 2.16 -28.45
N LEU A 94 3.12 2.14 -27.32
CA LEU A 94 4.13 3.13 -26.96
C LEU A 94 5.52 2.51 -26.88
N HIS A 95 5.64 1.24 -26.43
CA HIS A 95 6.94 0.57 -26.26
C HIS A 95 7.11 -0.71 -27.01
N ASN A 96 5.99 -1.28 -27.56
CA ASN A 96 5.99 -2.56 -28.29
C ASN A 96 7.08 -3.47 -27.71
N PRO A 97 7.02 -3.81 -26.38
CA PRO A 97 8.11 -4.58 -25.78
C PRO A 97 8.27 -5.94 -26.47
N PRO A 98 9.54 -6.35 -26.70
CA PRO A 98 9.80 -7.66 -27.35
C PRO A 98 9.17 -8.84 -26.61
N THR A 99 9.20 -8.77 -25.28
CA THR A 99 8.70 -9.77 -24.33
C THR A 99 7.20 -10.07 -24.43
N ILE A 100 6.45 -9.23 -25.18
CA ILE A 100 5.00 -9.34 -25.43
C ILE A 100 4.46 -10.78 -25.61
N HIS A 101 5.06 -11.58 -26.53
CA HIS A 101 4.63 -12.95 -26.85
C HIS A 101 5.58 -14.06 -26.38
N TYR A 102 6.54 -13.72 -25.51
CA TYR A 102 7.47 -14.68 -24.95
C TYR A 102 6.73 -15.67 -24.05
N PRO A 103 7.25 -16.91 -23.81
CA PRO A 103 6.58 -17.78 -22.82
C PRO A 103 6.57 -17.08 -21.45
N PRO A 104 5.63 -17.38 -20.53
CA PRO A 104 5.66 -16.67 -19.23
C PRO A 104 7.03 -16.72 -18.53
N SER A 105 7.60 -17.95 -18.38
CA SER A 105 8.93 -18.29 -17.83
C SER A 105 10.12 -17.49 -18.44
N GLN A 106 9.97 -17.09 -19.72
CA GLN A 106 10.97 -16.32 -20.44
C GLN A 106 10.89 -14.80 -20.25
N GLY A 107 10.01 -14.38 -19.35
CA GLY A 107 9.82 -12.98 -19.00
C GLY A 107 8.73 -12.24 -19.73
N GLN A 108 7.70 -13.01 -20.20
CA GLN A 108 6.52 -12.52 -20.93
C GLN A 108 6.02 -11.23 -20.30
N MET A 109 5.75 -10.22 -21.12
CA MET A 109 5.29 -8.94 -20.57
C MET A 109 3.98 -9.11 -19.72
N ASP A 110 4.05 -8.59 -18.47
CA ASP A 110 2.96 -8.61 -17.51
C ASP A 110 2.80 -7.24 -16.89
N LEU A 111 1.54 -6.82 -16.72
CA LEU A 111 1.18 -5.53 -16.14
C LEU A 111 0.54 -5.69 -14.77
N CYS A 112 0.62 -4.61 -13.97
CA CYS A 112 0.11 -4.59 -12.61
C CYS A 112 -0.22 -3.19 -12.13
N VAL A 113 -1.47 -2.94 -11.74
CA VAL A 113 -1.89 -1.64 -11.24
C VAL A 113 -1.48 -1.57 -9.77
N THR A 114 -0.81 -0.48 -9.40
CA THR A 114 -0.37 -0.25 -8.02
C THR A 114 -1.07 0.97 -7.42
N SER A 115 -1.02 1.11 -6.08
CA SER A 115 -1.58 2.26 -5.39
C SER A 115 -0.48 3.37 -5.35
N GLY A 116 -0.22 3.90 -6.56
CA GLY A 116 0.85 4.83 -6.90
C GLY A 116 2.06 4.04 -7.39
N SER A 117 2.91 4.69 -8.23
CA SER A 117 4.13 4.06 -8.76
C SER A 117 5.16 3.69 -7.66
N GLN A 118 5.10 4.40 -6.51
CA GLN A 118 5.91 4.15 -5.32
C GLN A 118 5.65 2.72 -4.76
N GLN A 119 4.37 2.25 -4.83
CA GLN A 119 3.98 0.89 -4.39
C GLN A 119 4.72 -0.17 -5.25
N GLY A 120 4.73 0.07 -6.55
CA GLY A 120 5.36 -0.80 -7.51
C GLY A 120 6.80 -0.98 -7.19
N LEU A 121 7.55 0.16 -7.11
CA LEU A 121 8.99 0.24 -6.86
C LEU A 121 9.39 -0.40 -5.56
N CYS A 122 8.70 0.01 -4.46
CA CYS A 122 8.96 -0.50 -3.14
C CYS A 122 8.84 -2.03 -3.12
N LYS A 123 7.71 -2.57 -3.57
CA LYS A 123 7.48 -4.01 -3.64
C LYS A 123 8.57 -4.77 -4.41
N VAL A 124 9.04 -4.16 -5.52
CA VAL A 124 10.12 -4.67 -6.39
C VAL A 124 11.42 -4.75 -5.56
N PHE A 125 11.81 -3.60 -4.95
CA PHE A 125 12.97 -3.50 -4.07
C PHE A 125 12.89 -4.55 -2.99
N GLU A 126 11.72 -4.61 -2.34
CA GLU A 126 11.44 -5.57 -1.29
C GLU A 126 11.72 -7.00 -1.72
N MET A 127 11.14 -7.41 -2.89
CA MET A 127 11.29 -8.77 -3.47
C MET A 127 12.64 -9.16 -4.03
N ILE A 128 13.59 -8.20 -4.01
CA ILE A 128 14.92 -8.38 -4.59
C ILE A 128 16.09 -8.35 -3.58
N ILE A 129 16.07 -7.32 -2.72
CA ILE A 129 17.12 -7.03 -1.74
C ILE A 129 17.14 -7.83 -0.46
N ASN A 130 18.30 -8.48 -0.26
CA ASN A 130 18.72 -9.15 0.97
C ASN A 130 19.86 -8.27 1.48
N PRO A 131 19.96 -8.02 2.80
CA PRO A 131 21.11 -7.21 3.29
C PRO A 131 22.46 -7.78 2.80
N GLY A 132 23.20 -6.93 2.07
CA GLY A 132 24.51 -7.28 1.52
C GLY A 132 24.59 -7.18 0.01
N ASP A 133 23.40 -7.23 -0.66
CA ASP A 133 23.22 -7.14 -2.12
C ASP A 133 23.70 -5.79 -2.65
N ASN A 134 24.27 -5.80 -3.86
CA ASN A 134 24.76 -4.58 -4.51
C ASN A 134 23.74 -3.99 -5.45
N VAL A 135 23.51 -2.68 -5.34
CA VAL A 135 22.59 -1.97 -6.24
C VAL A 135 23.30 -0.83 -7.00
N LEU A 136 22.99 -0.76 -8.30
CA LEU A 136 23.52 0.25 -9.19
C LEU A 136 22.47 1.36 -9.32
N LEU A 137 22.93 2.59 -9.14
CA LEU A 137 22.14 3.80 -9.04
C LEU A 137 23.05 5.02 -9.23
N ASP A 138 22.51 6.06 -9.85
CA ASP A 138 23.22 7.30 -10.01
C ASP A 138 22.69 8.29 -8.94
N GLU A 139 23.63 8.95 -8.19
CA GLU A 139 23.33 9.98 -7.17
C GLU A 139 23.58 11.31 -7.89
N PRO A 140 22.72 12.36 -7.75
CA PRO A 140 21.50 12.45 -6.93
C PRO A 140 20.30 11.72 -7.54
N ALA A 141 19.64 10.90 -6.70
CA ALA A 141 18.50 10.04 -7.01
C ALA A 141 17.30 10.42 -6.16
N TYR A 142 16.10 9.87 -6.50
CA TYR A 142 14.86 10.14 -5.77
C TYR A 142 14.96 9.81 -4.28
N SER A 143 14.58 10.80 -3.43
CA SER A 143 14.57 10.69 -1.95
C SER A 143 13.84 9.44 -1.53
N GLY A 144 12.61 9.29 -2.04
CA GLY A 144 11.73 8.17 -1.78
C GLY A 144 12.34 6.81 -2.02
N THR A 145 13.10 6.66 -3.11
CA THR A 145 13.73 5.38 -3.38
C THR A 145 14.95 5.16 -2.51
N LEU A 146 15.70 6.24 -2.17
CA LEU A 146 16.86 6.13 -1.29
C LEU A 146 16.38 5.66 0.04
N GLN A 147 15.28 6.29 0.49
CA GLN A 147 14.60 6.03 1.75
C GLN A 147 14.08 4.59 1.80
N SER A 148 13.65 4.06 0.63
CA SER A 148 13.14 2.70 0.48
C SER A 148 14.27 1.66 0.70
N LEU A 149 15.36 1.81 -0.07
CA LEU A 149 16.55 0.96 -0.10
C LEU A 149 17.40 0.97 1.15
N HIS A 150 17.46 2.11 1.86
CA HIS A 150 18.26 2.20 3.07
C HIS A 150 18.02 1.10 4.15
N PRO A 151 16.80 0.94 4.74
CA PRO A 151 16.61 -0.12 5.75
C PRO A 151 16.81 -1.54 5.23
N LEU A 152 16.71 -1.67 3.90
CA LEU A 152 16.76 -2.91 3.19
C LEU A 152 18.11 -3.68 3.28
N GLY A 153 19.21 -2.94 3.54
CA GLY A 153 20.54 -3.50 3.74
C GLY A 153 21.43 -3.63 2.52
N CYS A 154 21.00 -3.07 1.40
CA CYS A 154 21.77 -3.11 0.17
C CYS A 154 22.91 -2.10 0.20
N ASN A 155 23.93 -2.35 -0.67
CA ASN A 155 25.11 -1.51 -0.89
C ASN A 155 24.80 -0.74 -2.15
N ILE A 156 24.66 0.58 -2.00
CA ILE A 156 24.37 1.38 -3.18
C ILE A 156 25.72 1.84 -3.78
N ILE A 157 26.06 1.32 -4.98
CA ILE A 157 27.31 1.69 -5.64
C ILE A 157 26.92 2.86 -6.53
N ASN A 158 27.53 4.02 -6.28
CA ASN A 158 27.15 5.19 -7.07
C ASN A 158 27.79 5.22 -8.46
N VAL A 159 26.92 5.37 -9.48
CA VAL A 159 27.30 5.43 -10.89
C VAL A 159 27.40 6.90 -11.33
N ALA A 160 28.57 7.31 -11.86
CA ALA A 160 28.78 8.70 -12.32
C ALA A 160 27.79 9.12 -13.41
N SER A 161 27.13 10.27 -13.18
CA SER A 161 26.16 10.86 -14.10
C SER A 161 26.67 12.16 -14.76
N ASP A 162 25.76 12.86 -15.47
CA ASP A 162 25.94 14.16 -16.13
C ASP A 162 24.63 14.61 -16.77
N GLU A 163 24.62 15.77 -17.48
CA GLU A 163 23.48 16.37 -18.19
C GLU A 163 22.73 15.34 -19.07
N SER A 164 23.47 14.42 -19.72
CA SER A 164 22.86 13.38 -20.53
C SER A 164 22.51 12.09 -19.77
N GLY A 165 22.74 12.08 -18.45
CA GLY A 165 22.41 10.94 -17.59
C GLY A 165 23.59 10.13 -17.11
N ILE A 166 23.32 8.83 -16.81
CA ILE A 166 24.36 7.89 -16.35
C ILE A 166 25.42 7.76 -17.47
N VAL A 167 26.71 7.76 -17.11
CA VAL A 167 27.80 7.66 -18.08
C VAL A 167 28.07 6.17 -18.30
N PRO A 168 27.64 5.59 -19.45
CA PRO A 168 27.88 4.14 -19.64
C PRO A 168 29.28 3.70 -19.25
N ASP A 169 30.28 4.59 -19.48
CA ASP A 169 31.70 4.38 -19.18
C ASP A 169 31.95 4.19 -17.69
N SER A 170 31.23 4.92 -16.82
CA SER A 170 31.36 4.78 -15.38
C SER A 170 30.86 3.39 -15.00
N LEU A 171 29.59 3.05 -15.42
CA LEU A 171 28.93 1.76 -15.23
C LEU A 171 29.89 0.66 -15.73
N ARG A 172 30.48 0.89 -16.93
CA ARG A 172 31.44 0.01 -17.59
C ARG A 172 32.66 -0.22 -16.68
N ASP A 173 33.15 0.84 -16.01
CA ASP A 173 34.29 0.73 -15.11
C ASP A 173 33.85 0.00 -13.86
N ILE A 174 32.68 0.35 -13.31
CA ILE A 174 32.20 -0.29 -12.09
C ILE A 174 32.04 -1.82 -12.25
N LEU A 175 31.42 -2.24 -13.35
CA LEU A 175 31.17 -3.64 -13.62
C LEU A 175 32.43 -4.53 -13.75
N SER A 176 33.56 -3.89 -14.18
CA SER A 176 34.90 -4.46 -14.38
C SER A 176 35.49 -5.08 -13.08
N ARG A 177 34.74 -4.94 -11.94
CA ARG A 177 35.09 -5.49 -10.66
C ARG A 177 34.83 -6.97 -10.77
N TRP A 178 33.70 -7.34 -11.44
CA TRP A 178 33.28 -8.72 -11.65
C TRP A 178 33.70 -9.30 -13.04
N LYS A 179 33.27 -10.56 -13.29
CA LYS A 179 33.45 -11.27 -14.55
C LYS A 179 32.04 -11.62 -15.04
N PRO A 180 31.75 -11.60 -16.37
CA PRO A 180 30.38 -11.87 -16.84
C PRO A 180 29.81 -13.22 -16.41
N GLU A 181 30.70 -14.17 -16.05
CA GLU A 181 30.25 -15.49 -15.58
C GLU A 181 29.72 -15.38 -14.14
N ASP A 182 30.36 -14.53 -13.28
CA ASP A 182 30.02 -14.32 -11.86
C ASP A 182 28.54 -14.17 -11.52
N ALA A 183 27.70 -13.69 -12.48
CA ALA A 183 26.25 -13.52 -12.27
C ALA A 183 25.59 -14.86 -12.00
N LYS A 184 26.14 -15.93 -12.61
CA LYS A 184 25.68 -17.32 -12.45
C LYS A 184 26.11 -17.82 -11.07
N ASN A 185 27.26 -17.33 -10.57
CA ASN A 185 27.83 -17.81 -9.32
C ASN A 185 27.34 -17.21 -8.02
N PRO A 186 26.54 -17.97 -7.22
CA PRO A 186 26.23 -17.50 -5.86
C PRO A 186 27.56 -17.68 -5.11
N GLN A 187 28.10 -16.61 -4.48
CA GLN A 187 29.42 -16.52 -3.80
C GLN A 187 30.13 -15.33 -4.42
N LYS A 188 29.53 -14.84 -5.50
CA LYS A 188 29.91 -13.66 -6.25
C LYS A 188 28.71 -12.72 -6.16
N ASN A 189 28.90 -11.57 -5.51
CA ASN A 189 27.79 -10.66 -5.30
C ASN A 189 27.68 -9.63 -6.38
N THR A 190 27.18 -10.08 -7.53
CA THR A 190 26.96 -9.23 -8.70
C THR A 190 25.77 -8.32 -8.47
N PRO A 191 25.76 -7.10 -9.06
CA PRO A 191 24.62 -6.19 -8.88
C PRO A 191 23.24 -6.82 -9.19
N LYS A 192 22.29 -6.74 -8.24
CA LYS A 192 20.96 -7.32 -8.50
C LYS A 192 20.20 -6.52 -9.57
N PHE A 193 20.31 -5.18 -9.50
CA PHE A 193 19.71 -4.28 -10.47
C PHE A 193 20.45 -2.93 -10.61
N LEU A 194 20.13 -2.24 -11.71
CA LEU A 194 20.49 -0.86 -11.93
C LEU A 194 19.18 -0.10 -11.80
N TYR A 195 19.22 1.05 -11.13
CA TYR A 195 18.07 1.90 -10.92
C TYR A 195 18.30 3.26 -11.57
N THR A 196 17.32 3.67 -12.41
CA THR A 196 17.34 4.96 -13.09
C THR A 196 15.98 5.63 -13.34
N VAL A 197 16.03 6.99 -13.43
CA VAL A 197 14.91 7.84 -13.82
C VAL A 197 15.33 8.34 -15.18
N PRO A 198 15.02 7.55 -16.25
CA PRO A 198 15.54 7.89 -17.59
C PRO A 198 15.10 9.22 -18.17
N ASN A 199 14.02 9.81 -17.64
CA ASN A 199 13.50 11.08 -18.13
C ASN A 199 13.18 12.03 -16.98
N GLY A 200 13.84 13.20 -17.01
CA GLY A 200 13.66 14.26 -16.02
C GLY A 200 13.88 13.86 -14.58
N ASN A 201 15.06 13.28 -14.30
CA ASN A 201 15.45 12.80 -12.98
C ASN A 201 15.23 13.78 -11.79
N ASN A 202 14.50 13.28 -10.78
CA ASN A 202 14.28 13.94 -9.50
C ASN A 202 15.63 13.68 -8.84
N PRO A 203 16.46 14.70 -8.60
CA PRO A 203 16.15 16.15 -8.58
C PRO A 203 16.69 17.01 -9.73
N THR A 204 17.58 16.40 -10.57
CA THR A 204 18.37 17.01 -11.64
C THR A 204 17.63 17.47 -12.88
N GLY A 205 16.58 16.74 -13.24
CA GLY A 205 15.79 16.98 -14.44
C GLY A 205 16.48 16.49 -15.71
N ASN A 206 17.60 15.74 -15.54
CA ASN A 206 18.37 15.23 -16.67
C ASN A 206 17.73 13.95 -17.20
N SER A 207 17.72 13.80 -18.55
CA SER A 207 17.14 12.65 -19.25
C SER A 207 18.23 11.91 -19.99
N LEU A 208 18.11 10.59 -20.14
CA LEU A 208 19.07 9.83 -20.91
C LEU A 208 18.82 10.01 -22.41
N THR A 209 19.77 9.52 -23.23
CA THR A 209 19.79 9.53 -24.70
C THR A 209 19.55 8.10 -25.18
N SER A 210 19.08 7.92 -26.45
CA SER A 210 18.86 6.58 -27.08
C SER A 210 20.16 5.78 -27.06
N GLU A 211 21.25 6.43 -27.49
CA GLU A 211 22.58 5.83 -27.55
C GLU A 211 23.05 5.28 -26.21
N ARG A 212 23.13 6.14 -25.18
CA ARG A 212 23.55 5.77 -23.83
C ARG A 212 22.73 4.60 -23.28
N LYS A 213 21.38 4.64 -23.47
CA LYS A 213 20.46 3.59 -23.01
C LYS A 213 20.84 2.26 -23.64
N LYS A 214 21.18 2.25 -24.96
CA LYS A 214 21.61 1.04 -25.69
C LYS A 214 22.85 0.46 -25.05
N GLU A 215 23.84 1.33 -24.77
CA GLU A 215 25.10 1.00 -24.13
C GLU A 215 24.83 0.42 -22.73
N ILE A 216 23.95 1.07 -21.91
CA ILE A 216 23.55 0.64 -20.57
C ILE A 216 22.85 -0.74 -20.62
N TYR A 217 21.82 -0.90 -21.49
CA TYR A 217 21.11 -2.18 -21.67
C TYR A 217 22.10 -3.28 -22.07
N GLU A 218 23.01 -2.94 -23.00
CA GLU A 218 24.05 -3.84 -23.48
C GLU A 218 24.92 -4.31 -22.31
N LEU A 219 25.21 -3.36 -21.38
CA LEU A 219 25.98 -3.57 -20.14
C LEU A 219 25.22 -4.44 -19.18
N ALA A 220 23.89 -4.26 -19.15
CA ALA A 220 23.01 -5.05 -18.30
C ALA A 220 22.99 -6.50 -18.75
N ARG A 221 23.14 -6.73 -20.06
CA ARG A 221 23.15 -8.03 -20.72
C ARG A 221 24.46 -8.76 -20.38
N LYS A 222 25.63 -8.07 -20.63
CA LYS A 222 26.99 -8.57 -20.39
C LYS A 222 27.16 -9.04 -18.98
N TYR A 223 26.77 -8.21 -18.02
CA TYR A 223 26.90 -8.54 -16.62
C TYR A 223 25.64 -9.15 -16.03
N ASP A 224 24.61 -9.27 -16.88
CA ASP A 224 23.32 -9.87 -16.55
C ASP A 224 22.66 -9.40 -15.23
N PHE A 225 22.27 -8.13 -15.22
CA PHE A 225 21.58 -7.55 -14.09
C PHE A 225 20.25 -7.03 -14.56
N LEU A 226 19.37 -6.74 -13.59
CA LEU A 226 18.05 -6.22 -13.82
C LEU A 226 18.09 -4.70 -13.96
N ILE A 227 17.11 -4.14 -14.70
CA ILE A 227 16.97 -2.70 -14.87
C ILE A 227 15.62 -2.33 -14.44
N ILE A 228 15.55 -1.58 -13.37
CA ILE A 228 14.31 -0.99 -12.91
C ILE A 228 14.20 0.47 -13.44
N GLU A 229 13.34 0.65 -14.47
CA GLU A 229 13.09 1.88 -15.21
C GLU A 229 12.00 2.60 -14.50
N ASP A 230 12.38 3.55 -13.64
CA ASP A 230 11.39 4.30 -12.89
C ASP A 230 11.12 5.55 -13.69
N ASP A 231 10.05 5.53 -14.53
CA ASP A 231 9.77 6.67 -15.41
C ASP A 231 8.44 7.45 -15.26
N PRO A 232 8.30 8.18 -14.11
CA PRO A 232 7.07 8.95 -13.88
C PRO A 232 6.90 10.19 -14.73
N TYR A 233 8.01 10.84 -15.12
CA TYR A 233 7.95 12.08 -15.92
C TYR A 233 8.19 11.78 -17.42
N TYR A 234 7.69 10.62 -17.89
CA TYR A 234 7.82 10.15 -19.27
C TYR A 234 6.93 10.99 -20.19
N PHE A 235 5.66 11.16 -19.79
CA PHE A 235 4.69 11.91 -20.58
C PHE A 235 5.03 13.39 -20.68
N LEU A 236 5.79 13.90 -19.67
CA LEU A 236 6.26 15.27 -19.52
C LEU A 236 7.62 15.52 -20.15
N GLN A 237 7.80 15.12 -21.42
CA GLN A 237 9.06 15.32 -22.12
C GLN A 237 8.95 16.53 -23.03
N PHE A 238 9.82 17.52 -22.81
CA PHE A 238 9.85 18.73 -23.64
C PHE A 238 10.61 18.50 -24.96
N ASN A 239 11.34 17.36 -25.03
CA ASN A 239 12.20 16.79 -26.09
C ASN A 239 11.62 16.78 -27.50
N LYS A 240 10.27 16.81 -27.59
CA LYS A 240 9.45 16.68 -28.80
C LYS A 240 9.25 15.19 -29.02
N PHE A 241 10.02 14.58 -29.94
CA PHE A 241 9.92 13.15 -30.17
C PHE A 241 10.54 12.37 -29.02
N ARG A 242 9.69 11.67 -28.27
CA ARG A 242 10.06 10.91 -27.08
C ARG A 242 11.11 9.84 -27.36
N VAL A 243 12.09 9.73 -26.45
CA VAL A 243 13.19 8.78 -26.55
C VAL A 243 12.70 7.34 -26.21
N PRO A 244 13.13 6.30 -27.01
CA PRO A 244 12.73 4.91 -26.72
C PRO A 244 13.18 4.43 -25.34
N THR A 245 12.33 3.65 -24.67
CA THR A 245 12.53 3.17 -23.30
C THR A 245 13.35 1.85 -23.16
N PHE A 246 13.87 1.56 -21.94
CA PHE A 246 14.56 0.30 -21.65
C PHE A 246 13.58 -0.88 -21.90
N LEU A 247 12.30 -0.70 -21.55
CA LEU A 247 11.21 -1.65 -21.77
C LEU A 247 11.02 -1.86 -23.26
N SER A 248 11.06 -0.76 -24.03
CA SER A 248 10.93 -0.77 -25.49
C SER A 248 12.10 -1.53 -26.14
N MET A 249 13.24 -1.64 -25.43
CA MET A 249 14.42 -2.36 -25.91
C MET A 249 14.75 -3.70 -25.17
N ASP A 250 13.84 -4.15 -24.29
CA ASP A 250 14.02 -5.33 -23.43
C ASP A 250 13.86 -6.73 -24.06
N VAL A 251 14.84 -7.10 -24.90
CA VAL A 251 14.96 -8.40 -25.59
C VAL A 251 15.01 -9.53 -24.57
N ASP A 252 15.87 -9.41 -23.55
CA ASP A 252 16.09 -10.41 -22.51
C ASP A 252 14.88 -10.62 -21.61
N GLY A 253 14.36 -9.53 -21.08
CA GLY A 253 13.21 -9.59 -20.18
C GLY A 253 13.68 -9.22 -18.80
N ARG A 254 14.73 -8.37 -18.76
CA ARG A 254 15.39 -7.86 -17.56
C ARG A 254 14.88 -6.49 -17.09
N VAL A 255 13.80 -5.96 -17.69
CA VAL A 255 13.28 -4.64 -17.31
C VAL A 255 11.97 -4.65 -16.48
N ILE A 256 11.99 -3.98 -15.31
CA ILE A 256 10.82 -3.77 -14.47
C ILE A 256 10.59 -2.29 -14.71
N ARG A 257 9.45 -1.92 -15.34
CA ARG A 257 9.17 -0.52 -15.68
C ARG A 257 8.01 0.05 -14.87
N ALA A 258 8.28 1.17 -14.18
CA ALA A 258 7.30 1.85 -13.32
C ALA A 258 6.77 3.12 -13.97
N ASP A 259 5.46 3.12 -14.20
CA ASP A 259 4.75 4.25 -14.79
C ASP A 259 3.84 4.89 -13.77
N SER A 260 3.64 6.20 -13.88
CA SER A 260 2.78 6.93 -12.95
C SER A 260 1.70 7.76 -13.61
N PHE A 261 0.53 7.81 -12.98
CA PHE A 261 -0.57 8.64 -13.46
C PHE A 261 -0.62 9.89 -12.56
N SER A 262 0.30 9.96 -11.57
CA SER A 262 0.40 11.06 -10.61
C SER A 262 0.73 12.36 -11.26
N LYS A 263 1.66 12.36 -12.22
CA LYS A 263 2.08 13.60 -12.88
C LYS A 263 1.15 14.12 -13.97
N ILE A 264 0.24 13.27 -14.49
CA ILE A 264 -0.64 13.68 -15.59
C ILE A 264 -2.13 13.56 -15.32
N ILE A 265 -2.54 12.56 -14.52
CA ILE A 265 -3.96 12.31 -14.24
C ILE A 265 -4.38 12.69 -12.80
N SER A 266 -3.68 12.16 -11.75
CA SER A 266 -3.93 12.43 -10.32
C SER A 266 -2.95 11.73 -9.36
N SER A 267 -2.25 12.55 -8.58
CA SER A 267 -1.32 12.11 -7.55
C SER A 267 -2.07 11.57 -6.32
N GLY A 268 -3.16 12.23 -5.98
CA GLY A 268 -4.02 11.84 -4.87
C GLY A 268 -4.79 10.54 -5.05
N LEU A 269 -5.24 10.22 -6.30
CA LEU A 269 -5.99 8.98 -6.57
C LEU A 269 -5.23 7.70 -6.24
N ARG A 270 -3.86 7.72 -6.24
CA ARG A 270 -2.97 6.58 -5.92
C ARG A 270 -3.10 5.42 -6.91
N ILE A 271 -2.94 5.70 -8.20
CA ILE A 271 -3.07 4.68 -9.24
C ILE A 271 -1.86 4.75 -10.13
N GLY A 272 -0.95 3.79 -9.93
CA GLY A 272 0.26 3.63 -10.72
C GLY A 272 0.27 2.30 -11.46
N PHE A 273 1.24 2.10 -12.39
CA PHE A 273 1.32 0.83 -13.13
C PHE A 273 2.68 0.29 -13.51
N LEU A 274 2.96 -0.93 -13.02
CA LEU A 274 4.18 -1.71 -13.24
C LEU A 274 4.04 -2.61 -14.45
N THR A 275 5.11 -2.63 -15.30
CA THR A 275 5.21 -3.43 -16.55
C THR A 275 6.56 -4.17 -16.58
N GLY A 276 6.49 -5.49 -16.50
CA GLY A 276 7.69 -6.33 -16.46
C GLY A 276 7.49 -7.83 -16.66
N PRO A 277 8.57 -8.64 -16.48
CA PRO A 277 8.42 -10.10 -16.66
C PRO A 277 7.38 -10.73 -15.75
N LYS A 278 6.44 -11.49 -16.37
CA LYS A 278 5.35 -12.22 -15.73
C LYS A 278 5.80 -12.82 -14.36
N PRO A 279 6.90 -13.62 -14.28
CA PRO A 279 7.28 -14.18 -12.98
C PRO A 279 7.55 -13.15 -11.88
N LEU A 280 8.22 -12.04 -12.24
CA LEU A 280 8.58 -10.96 -11.33
C LEU A 280 7.41 -10.11 -10.94
N ILE A 281 6.56 -9.75 -11.92
CA ILE A 281 5.32 -9.01 -11.66
C ILE A 281 4.41 -9.81 -10.71
N GLU A 282 4.28 -11.16 -10.95
CA GLU A 282 3.52 -12.15 -10.19
C GLU A 282 4.03 -12.23 -8.73
N ARG A 283 5.35 -12.04 -8.56
CA ARG A 283 5.99 -11.99 -7.25
C ARG A 283 5.52 -10.73 -6.51
N VAL A 284 5.44 -9.56 -7.21
CA VAL A 284 4.91 -8.34 -6.55
C VAL A 284 3.41 -8.48 -6.26
N ILE A 285 2.60 -8.94 -7.25
CA ILE A 285 1.16 -9.15 -7.10
C ILE A 285 0.80 -9.89 -5.79
N LEU A 286 1.58 -10.96 -5.44
CA LEU A 286 1.36 -11.75 -4.23
C LEU A 286 1.63 -10.96 -2.98
N HIS A 287 2.61 -10.05 -3.04
CA HIS A 287 2.92 -9.24 -1.88
C HIS A 287 1.79 -8.28 -1.61
N ILE A 288 1.22 -7.69 -2.71
CA ILE A 288 0.11 -6.72 -2.64
C ILE A 288 -1.19 -7.38 -2.15
N GLN A 289 -1.31 -8.72 -2.40
CA GLN A 289 -2.42 -9.55 -1.96
C GLN A 289 -2.47 -9.57 -0.45
N VAL A 290 -1.31 -9.62 0.23
CA VAL A 290 -1.25 -9.58 1.71
C VAL A 290 -1.05 -8.17 2.32
N SER A 291 -0.90 -7.14 1.47
CA SER A 291 -0.66 -5.75 1.90
C SER A 291 -1.89 -4.80 1.79
N THR A 292 -2.21 -4.35 0.55
CA THR A 292 -3.32 -3.45 0.29
C THR A 292 -4.51 -4.19 -0.35
N LEU A 293 -4.31 -5.47 -0.73
CA LEU A 293 -5.24 -6.35 -1.46
C LEU A 293 -5.31 -5.92 -2.93
N HIS A 294 -5.75 -4.67 -3.21
CA HIS A 294 -5.88 -4.11 -4.56
C HIS A 294 -5.96 -2.57 -4.49
N PRO A 295 -5.69 -1.82 -5.60
CA PRO A 295 -5.89 -0.37 -5.55
C PRO A 295 -7.39 -0.08 -5.61
N SER A 296 -7.79 1.06 -5.00
CA SER A 296 -9.16 1.55 -4.95
C SER A 296 -9.92 1.22 -6.23
N THR A 297 -10.89 0.31 -6.14
CA THR A 297 -11.69 -0.05 -7.30
C THR A 297 -12.42 1.16 -7.88
N PHE A 298 -12.89 2.07 -6.99
CA PHE A 298 -13.54 3.32 -7.34
C PHE A 298 -12.64 4.17 -8.25
N ASN A 299 -11.39 4.45 -7.82
CA ASN A 299 -10.42 5.26 -8.57
C ASN A 299 -9.93 4.62 -9.88
N GLN A 300 -9.79 3.28 -9.90
CA GLN A 300 -9.39 2.50 -11.06
C GLN A 300 -10.45 2.58 -12.16
N LEU A 301 -11.73 2.54 -11.74
CA LEU A 301 -12.92 2.65 -12.58
C LEU A 301 -13.01 4.09 -13.05
N MET A 302 -12.73 5.05 -12.13
CA MET A 302 -12.74 6.49 -12.35
C MET A 302 -11.77 6.82 -13.49
N ILE A 303 -10.50 6.32 -13.38
CA ILE A 303 -9.47 6.50 -14.41
C ILE A 303 -9.94 5.78 -15.63
N SER A 304 -10.07 4.42 -15.58
CA SER A 304 -10.50 3.60 -16.71
C SER A 304 -11.60 4.22 -17.60
N GLN A 305 -12.81 4.42 -17.03
CA GLN A 305 -13.96 4.96 -17.73
C GLN A 305 -13.62 6.22 -18.51
N LEU A 306 -12.89 7.16 -17.87
CA LEU A 306 -12.48 8.42 -18.50
C LEU A 306 -11.53 8.23 -19.69
N LEU A 307 -10.39 7.55 -19.45
CA LEU A 307 -9.39 7.37 -20.49
C LEU A 307 -9.79 6.36 -21.57
N HIS A 308 -10.93 5.65 -21.33
CA HIS A 308 -11.57 4.75 -22.30
C HIS A 308 -12.34 5.59 -23.31
N GLU A 309 -13.33 6.39 -22.82
CA GLU A 309 -14.12 7.27 -23.67
C GLU A 309 -13.25 8.34 -24.39
N TRP A 310 -12.03 8.59 -23.89
CA TRP A 310 -11.08 9.54 -24.48
C TRP A 310 -10.41 8.94 -25.71
N GLY A 311 -9.86 7.75 -25.53
CA GLY A 311 -9.08 7.02 -26.53
C GLY A 311 -7.62 7.38 -26.42
N GLU A 312 -6.75 6.75 -27.23
CA GLU A 312 -5.32 7.06 -27.19
C GLU A 312 -5.06 8.49 -27.72
N GLU A 313 -5.93 8.97 -28.64
CA GLU A 313 -5.88 10.32 -29.18
C GLU A 313 -6.32 11.27 -28.07
N GLY A 314 -7.41 10.92 -27.39
CA GLY A 314 -7.95 11.69 -26.27
C GLY A 314 -6.91 11.85 -25.19
N PHE A 315 -6.16 10.76 -24.92
CA PHE A 315 -5.09 10.69 -23.94
C PHE A 315 -3.89 11.51 -24.40
N MET A 316 -3.46 11.32 -25.66
CA MET A 316 -2.33 12.07 -26.22
C MET A 316 -2.56 13.58 -26.36
N ALA A 317 -3.84 14.00 -26.55
CA ALA A 317 -4.19 15.41 -26.59
C ALA A 317 -3.88 15.92 -25.19
N HIS A 318 -4.50 15.31 -24.17
CA HIS A 318 -4.29 15.65 -22.77
C HIS A 318 -2.82 15.74 -22.40
N VAL A 319 -2.02 14.72 -22.80
CA VAL A 319 -0.59 14.75 -22.51
C VAL A 319 0.11 15.96 -23.12
N ASP A 320 -0.19 16.28 -24.42
CA ASP A 320 0.35 17.46 -25.11
C ASP A 320 -0.02 18.74 -24.36
N ARG A 321 -1.32 18.87 -23.98
CA ARG A 321 -1.87 20.00 -23.22
C ARG A 321 -1.03 20.24 -21.97
N VAL A 322 -0.73 19.14 -21.23
CA VAL A 322 0.06 19.21 -20.00
C VAL A 322 1.54 19.51 -20.22
N ILE A 323 2.19 18.88 -21.25
CA ILE A 323 3.60 19.16 -21.55
C ILE A 323 3.83 20.65 -21.85
N ASP A 324 2.93 21.28 -22.62
CA ASP A 324 3.12 22.68 -22.93
C ASP A 324 2.76 23.64 -21.80
N PHE A 325 2.25 23.12 -20.68
CA PHE A 325 2.02 23.97 -19.52
C PHE A 325 3.36 24.09 -18.81
N TYR A 326 3.93 22.94 -18.40
CA TYR A 326 5.21 22.80 -17.72
C TYR A 326 6.38 23.29 -18.57
N SER A 327 6.20 23.34 -19.92
CA SER A 327 7.20 23.85 -20.88
C SER A 327 7.37 25.35 -20.61
N ASN A 328 6.24 26.06 -20.49
CA ASN A 328 6.20 27.47 -20.13
C ASN A 328 6.63 27.66 -18.69
N GLN A 329 6.32 26.71 -17.80
CA GLN A 329 6.74 26.75 -16.40
C GLN A 329 8.28 26.62 -16.33
N LYS A 330 8.86 25.74 -17.18
CA LYS A 330 10.31 25.55 -17.34
C LYS A 330 10.90 26.86 -17.90
N ASP A 331 10.31 27.36 -19.03
CA ASP A 331 10.69 28.62 -19.67
C ASP A 331 10.72 29.69 -18.57
N ALA A 332 9.61 29.83 -17.81
CA ALA A 332 9.42 30.81 -16.73
C ALA A 332 10.49 30.82 -15.63
N ILE A 333 10.71 29.68 -14.98
CA ILE A 333 11.70 29.56 -13.90
C ILE A 333 13.10 29.90 -14.39
N LEU A 334 13.43 29.46 -15.62
CA LEU A 334 14.71 29.71 -16.23
C LEU A 334 14.82 31.23 -16.51
N ALA A 335 13.76 31.82 -17.09
CA ALA A 335 13.70 33.25 -17.37
C ALA A 335 13.87 34.08 -16.06
N ALA A 336 13.70 33.41 -14.91
CA ALA A 336 13.85 33.99 -13.57
C ALA A 336 15.27 33.77 -13.06
N ALA A 337 15.72 32.52 -13.15
CA ALA A 337 17.07 32.12 -12.76
C ALA A 337 18.10 32.99 -13.51
N ASP A 338 17.89 33.22 -14.82
CA ASP A 338 18.73 34.06 -15.67
C ASP A 338 18.85 35.44 -15.03
N LYS A 339 17.71 36.05 -14.67
CA LYS A 339 17.58 37.36 -14.02
C LYS A 339 18.26 37.40 -12.65
N TRP A 340 17.82 36.57 -11.70
CA TRP A 340 18.36 36.62 -10.35
C TRP A 340 19.63 35.79 -10.02
N LEU A 341 19.79 34.62 -10.63
CA LEU A 341 21.00 33.82 -10.35
C LEU A 341 22.17 34.13 -11.30
N THR A 342 22.13 35.37 -11.87
CA THR A 342 23.07 36.11 -12.75
C THR A 342 24.37 35.35 -12.97
N GLY A 343 25.10 35.09 -11.87
CA GLY A 343 26.34 34.32 -11.78
C GLY A 343 26.60 33.91 -10.34
N LEU A 344 25.53 33.54 -9.62
CA LEU A 344 25.56 33.20 -8.22
C LEU A 344 25.38 31.70 -8.09
N ALA A 345 24.98 31.07 -9.20
CA ALA A 345 24.73 29.63 -9.24
C ALA A 345 24.77 29.07 -10.66
N GLU A 346 24.72 27.74 -10.77
CA GLU A 346 24.74 27.03 -12.05
C GLU A 346 23.56 26.07 -12.21
N TRP A 347 23.05 25.98 -13.45
CA TRP A 347 21.93 25.13 -13.77
C TRP A 347 21.88 24.65 -15.22
N HIS A 348 21.35 23.44 -15.39
CA HIS A 348 21.13 22.77 -16.65
C HIS A 348 19.67 22.97 -17.02
N VAL A 349 19.37 23.19 -18.31
CA VAL A 349 17.98 23.34 -18.75
C VAL A 349 17.26 21.99 -18.53
N PRO A 350 16.23 21.92 -17.65
CA PRO A 350 15.56 20.64 -17.37
C PRO A 350 14.98 20.00 -18.63
N ALA A 351 15.43 18.76 -18.87
CA ALA A 351 15.06 17.99 -20.05
C ALA A 351 13.61 17.62 -20.06
N ALA A 352 13.10 17.17 -18.91
CA ALA A 352 11.75 16.69 -18.68
C ALA A 352 11.38 16.85 -17.21
N GLY A 353 10.12 16.60 -16.90
CA GLY A 353 9.63 16.64 -15.53
C GLY A 353 9.23 18.01 -15.06
N MET A 354 9.45 18.25 -13.76
CA MET A 354 9.04 19.45 -13.05
C MET A 354 10.07 20.04 -12.08
N PHE A 355 11.35 19.63 -12.19
CA PHE A 355 12.36 20.16 -11.27
C PHE A 355 13.51 20.90 -11.92
N LEU A 356 13.97 22.01 -11.26
CA LEU A 356 15.15 22.76 -11.64
C LEU A 356 16.19 22.49 -10.53
N TRP A 357 17.37 21.97 -10.93
CA TRP A 357 18.45 21.60 -10.02
C TRP A 357 19.56 22.64 -10.13
N ILE A 358 19.72 23.44 -9.04
CA ILE A 358 20.61 24.60 -8.88
C ILE A 358 21.91 24.36 -8.03
N LYS A 359 23.13 24.69 -8.58
CA LYS A 359 24.39 24.57 -7.83
C LYS A 359 24.80 25.95 -7.40
N VAL A 360 24.63 26.26 -6.12
CA VAL A 360 24.94 27.56 -5.52
C VAL A 360 26.45 27.71 -5.47
N LYS A 361 26.96 28.69 -6.24
CA LYS A 361 28.38 28.97 -6.38
C LYS A 361 28.92 29.58 -5.11
N GLY A 362 30.09 29.11 -4.69
CA GLY A 362 30.83 29.66 -3.55
C GLY A 362 30.31 29.32 -2.18
N ILE A 363 29.64 28.18 -2.07
CA ILE A 363 29.08 27.71 -0.81
C ILE A 363 29.17 26.19 -0.78
N ASN A 364 29.66 25.63 0.34
CA ASN A 364 29.83 24.18 0.50
C ASN A 364 28.51 23.51 0.86
N ASP A 365 27.78 24.11 1.81
CA ASP A 365 26.49 23.61 2.28
C ASP A 365 25.46 24.71 2.16
N VAL A 366 24.28 24.33 1.68
CA VAL A 366 23.17 25.24 1.45
C VAL A 366 21.99 25.02 2.40
N LYS A 367 21.83 23.81 2.94
CA LYS A 367 20.75 23.41 3.85
C LYS A 367 20.43 24.48 4.86
N GLU A 368 21.47 25.06 5.50
CA GLU A 368 21.39 26.15 6.48
C GLU A 368 20.55 27.31 5.92
N LEU A 369 21.05 27.98 4.83
CA LEU A 369 20.40 29.12 4.16
C LEU A 369 19.12 28.78 3.34
N ILE A 370 18.34 27.80 3.83
CA ILE A 370 17.09 27.31 3.25
C ILE A 370 16.10 27.19 4.38
N GLU A 371 16.29 26.18 5.24
CA GLU A 371 15.44 25.89 6.41
C GLU A 371 15.73 26.81 7.62
N GLU A 372 16.50 27.89 7.42
CA GLU A 372 16.82 28.82 8.49
C GLU A 372 16.88 30.25 7.97
N LYS A 373 17.31 30.45 6.71
CA LYS A 373 17.39 31.79 6.11
C LYS A 373 16.27 32.04 5.09
N ALA A 374 16.06 31.09 4.14
CA ALA A 374 15.06 31.17 3.07
C ALA A 374 13.62 31.09 3.53
N VAL A 375 13.30 30.19 4.46
CA VAL A 375 11.95 29.98 4.98
C VAL A 375 11.37 31.23 5.66
N LYS A 376 12.17 31.88 6.52
CA LYS A 376 11.82 33.12 7.23
C LYS A 376 11.52 34.25 6.24
N MET A 377 11.86 34.01 4.97
CA MET A 377 11.64 34.97 3.89
C MET A 377 10.47 34.53 3.01
N GLY A 378 9.66 33.63 3.55
CA GLY A 378 8.48 33.11 2.85
C GLY A 378 8.74 32.33 1.58
N VAL A 379 10.01 31.91 1.36
CA VAL A 379 10.42 31.15 0.18
C VAL A 379 11.01 29.82 0.63
N LEU A 380 10.49 28.72 0.11
CA LEU A 380 11.04 27.42 0.49
C LEU A 380 11.16 26.48 -0.67
N MET A 381 12.38 25.96 -0.84
CA MET A 381 12.77 24.94 -1.84
C MET A 381 13.76 23.95 -1.16
N LEU A 382 13.58 22.63 -1.44
CA LEU A 382 14.36 21.50 -0.92
C LEU A 382 15.90 21.51 -1.06
N PRO A 383 16.66 21.38 0.06
CA PRO A 383 18.13 21.22 -0.04
C PRO A 383 18.49 19.86 -0.64
N GLY A 384 19.58 19.84 -1.41
CA GLY A 384 20.11 18.68 -2.13
C GLY A 384 20.45 17.44 -1.32
N ASN A 385 20.84 17.62 -0.02
CA ASN A 385 21.21 16.55 0.91
C ASN A 385 20.30 15.32 0.77
N ALA A 386 18.98 15.57 0.63
CA ALA A 386 17.87 14.62 0.50
C ALA A 386 18.01 13.59 -0.64
N PHE A 387 18.84 13.92 -1.61
CA PHE A 387 19.02 13.16 -2.82
C PHE A 387 20.35 12.43 -2.87
N TYR A 388 20.87 12.05 -1.69
CA TYR A 388 22.13 11.33 -1.60
C TYR A 388 22.09 10.25 -0.54
N VAL A 389 22.82 9.13 -0.77
CA VAL A 389 22.88 8.10 0.25
C VAL A 389 23.42 8.75 1.56
N ASP A 390 24.58 9.43 1.44
CA ASP A 390 25.12 10.14 2.59
C ASP A 390 24.48 11.52 2.72
N SER A 391 23.41 11.58 3.49
CA SER A 391 22.67 12.82 3.72
C SER A 391 23.45 13.81 4.59
N SER A 392 24.41 13.33 5.41
CA SER A 392 25.23 14.16 6.29
C SER A 392 26.18 15.10 5.53
N ALA A 393 26.88 14.56 4.50
CA ALA A 393 27.82 15.27 3.63
C ALA A 393 27.18 16.53 3.04
N PRO A 394 27.92 17.66 3.05
CA PRO A 394 27.35 18.93 2.53
C PRO A 394 26.93 18.97 1.05
N SER A 395 25.84 19.71 0.75
CA SER A 395 25.41 19.96 -0.63
C SER A 395 25.16 21.43 -0.92
N PRO A 396 25.77 21.93 -2.02
CA PRO A 396 25.49 23.32 -2.45
C PRO A 396 24.26 23.34 -3.37
N TYR A 397 23.42 22.30 -3.29
CA TYR A 397 22.31 22.13 -4.21
C TYR A 397 20.93 22.46 -3.72
N LEU A 398 20.12 22.86 -4.68
CA LEU A 398 18.74 23.21 -4.48
C LEU A 398 17.93 22.54 -5.53
N ARG A 399 16.70 22.17 -5.17
CA ARG A 399 15.77 21.58 -6.10
C ARG A 399 14.55 22.49 -6.08
N ALA A 400 14.32 23.23 -7.19
CA ALA A 400 13.20 24.15 -7.34
C ALA A 400 12.14 23.55 -8.25
N SER A 401 10.87 23.64 -7.85
CA SER A 401 9.76 23.06 -8.61
C SER A 401 8.95 24.09 -9.38
N PHE A 402 8.93 23.94 -10.70
CA PHE A 402 8.18 24.83 -11.57
C PHE A 402 6.77 24.31 -11.79
N SER A 403 6.39 23.26 -11.04
CA SER A 403 5.07 22.64 -11.15
C SER A 403 3.90 23.55 -10.78
N SER A 404 4.07 24.46 -9.81
CA SER A 404 2.96 25.27 -9.33
C SER A 404 3.09 26.77 -9.31
N ALA A 405 4.25 27.30 -8.87
CA ALA A 405 4.47 28.75 -8.74
C ALA A 405 4.33 29.53 -10.03
N SER A 406 3.80 30.73 -9.92
CA SER A 406 3.58 31.63 -11.04
C SER A 406 4.90 32.31 -11.43
N PRO A 407 5.03 32.80 -12.67
CA PRO A 407 6.22 33.59 -13.02
C PRO A 407 6.52 34.74 -12.03
N GLU A 408 5.47 35.40 -11.48
CA GLU A 408 5.60 36.46 -10.47
C GLU A 408 6.24 35.89 -9.20
N GLN A 409 5.69 34.74 -8.74
CA GLN A 409 6.12 34.01 -7.56
C GLN A 409 7.56 33.59 -7.72
N MET A 410 7.90 32.97 -8.86
CA MET A 410 9.27 32.55 -9.19
C MET A 410 10.22 33.74 -9.09
N ASP A 411 9.82 34.91 -9.66
CA ASP A 411 10.62 36.12 -9.63
C ASP A 411 10.89 36.57 -8.21
N VAL A 412 9.83 36.65 -7.41
CA VAL A 412 9.90 37.04 -5.99
C VAL A 412 10.71 35.98 -5.21
N ALA A 413 10.62 34.71 -5.62
CA ALA A 413 11.39 33.68 -4.94
C ALA A 413 12.90 33.81 -5.23
N PHE A 414 13.29 33.95 -6.50
CA PHE A 414 14.70 34.02 -6.83
C PHE A 414 15.40 35.24 -6.30
N GLN A 415 14.71 36.40 -6.35
CA GLN A 415 15.17 37.69 -5.84
C GLN A 415 15.60 37.55 -4.38
N VAL A 416 14.86 36.71 -3.59
CA VAL A 416 15.13 36.37 -2.19
C VAL A 416 16.38 35.50 -2.14
N LEU A 417 16.31 34.29 -2.73
CA LEU A 417 17.37 33.29 -2.80
C LEU A 417 18.73 33.95 -3.08
N ALA A 418 18.77 34.79 -4.15
CA ALA A 418 19.94 35.52 -4.60
C ALA A 418 20.50 36.36 -3.45
N GLN A 419 19.63 37.11 -2.75
CA GLN A 419 19.95 37.93 -1.58
C GLN A 419 20.74 37.07 -0.59
N LEU A 420 20.17 35.87 -0.29
CA LEU A 420 20.74 34.94 0.66
C LEU A 420 22.05 34.37 0.19
N ILE A 421 22.19 34.14 -1.12
CA ILE A 421 23.45 33.64 -1.66
C ILE A 421 24.54 34.65 -1.35
N LYS A 422 24.23 35.93 -1.54
CA LYS A 422 25.15 37.03 -1.30
C LYS A 422 25.60 37.13 0.16
N GLU A 423 24.63 37.04 1.13
CA GLU A 423 25.01 37.19 2.54
C GLU A 423 26.04 36.21 2.99
N SER A 424 25.82 34.95 2.60
CA SER A 424 26.73 33.86 2.91
C SER A 424 28.06 34.04 2.16
N LEU A 425 28.06 34.85 1.07
CA LEU A 425 29.29 35.13 0.32
C LEU A 425 30.10 36.17 1.03
N LEU A 426 29.49 36.87 2.00
CA LEU A 426 30.17 37.89 2.80
C LEU A 426 30.76 37.38 4.14
N VAL A 427 30.88 36.03 4.28
CA VAL A 427 31.38 35.35 5.47
C VAL A 427 32.91 35.09 5.43
N MET B 1 6.83 1.77 29.32
CA MET B 1 7.46 0.56 28.77
C MET B 1 8.33 0.87 27.53
N ASN B 2 9.21 -0.09 27.15
CA ASN B 2 10.07 0.04 25.97
C ASN B 2 9.47 -0.66 24.75
N TYR B 3 9.50 0.01 23.59
CA TYR B 3 8.97 -0.55 22.38
C TYR B 3 10.03 -1.08 21.43
N ALA B 4 11.30 -0.65 21.65
CA ALA B 4 12.46 -1.02 20.85
C ALA B 4 12.54 -2.52 20.53
N ARG B 5 12.30 -3.35 21.57
CA ARG B 5 12.28 -4.81 21.58
C ARG B 5 11.43 -5.40 20.43
N PHE B 6 10.34 -4.72 20.04
CA PHE B 6 9.34 -5.15 19.06
C PHE B 6 9.46 -4.48 17.68
N ILE B 7 10.58 -3.79 17.43
CA ILE B 7 10.85 -3.05 16.19
C ILE B 7 12.15 -3.57 15.57
N THR B 8 12.00 -4.34 14.45
CA THR B 8 13.09 -4.93 13.65
C THR B 8 14.19 -3.91 13.31
N ALA B 9 15.42 -4.39 13.11
CA ALA B 9 16.61 -3.60 12.73
C ALA B 9 16.25 -2.68 11.53
N ALA B 10 15.56 -3.26 10.51
CA ALA B 10 15.10 -2.59 9.29
C ALA B 10 14.00 -1.58 9.62
N SER B 11 12.99 -1.98 10.41
CA SER B 11 11.92 -1.08 10.82
C SER B 11 12.51 0.14 11.58
N ALA B 12 13.43 -0.15 12.55
CA ALA B 12 14.09 0.85 13.39
C ALA B 12 14.98 1.82 12.61
N ALA B 13 15.62 1.31 11.52
CA ALA B 13 16.52 2.07 10.61
C ALA B 13 15.90 3.37 10.10
N ARG B 14 14.66 3.25 9.54
CA ARG B 14 13.78 4.27 8.94
C ARG B 14 13.93 5.73 9.37
N ASN B 15 13.80 6.63 8.38
CA ASN B 15 13.89 8.07 8.55
C ASN B 15 12.79 8.82 7.76
N PRO B 16 12.22 9.93 8.31
CA PRO B 16 11.13 10.65 7.59
C PRO B 16 11.56 11.39 6.32
N SER B 17 10.59 12.05 5.63
CA SER B 17 10.75 12.84 4.39
C SER B 17 12.02 13.72 4.32
N GLY B 29 3.48 31.49 10.56
CA GLY B 29 3.34 32.57 9.61
C GLY B 29 3.02 32.10 8.19
N PRO B 30 1.73 31.81 7.86
CA PRO B 30 1.40 31.34 6.50
C PRO B 30 1.19 32.49 5.48
N LYS B 31 0.49 32.20 4.33
CA LYS B 31 0.15 33.13 3.23
C LYS B 31 1.35 33.66 2.45
N SER B 32 2.32 34.29 3.17
CA SER B 32 3.57 34.82 2.63
C SER B 32 4.45 33.68 2.06
N MET B 33 3.93 32.43 2.07
CA MET B 33 4.60 31.22 1.60
C MET B 33 4.50 30.97 0.11
N ILE B 34 5.66 30.97 -0.53
CA ILE B 34 5.89 30.69 -1.93
C ILE B 34 6.70 29.40 -1.85
N SER B 35 6.33 28.40 -2.65
CA SER B 35 7.04 27.13 -2.62
C SER B 35 7.47 26.56 -3.93
N LEU B 36 8.75 26.26 -3.96
CA LEU B 36 9.43 25.60 -5.05
C LEU B 36 9.96 24.30 -4.43
N ALA B 37 9.43 23.94 -3.25
CA ALA B 37 9.82 22.77 -2.49
C ALA B 37 9.19 21.50 -3.05
N GLY B 38 7.96 21.20 -2.62
CA GLY B 38 7.18 20.03 -3.00
C GLY B 38 7.11 19.73 -4.49
N GLY B 39 7.11 18.44 -4.80
CA GLY B 39 7.09 17.93 -6.17
C GLY B 39 5.71 17.57 -6.69
N LEU B 40 4.67 18.14 -6.04
CA LEU B 40 3.25 17.95 -6.35
C LEU B 40 2.96 18.38 -7.79
N PRO B 41 2.05 17.71 -8.54
CA PRO B 41 1.74 18.20 -9.89
C PRO B 41 0.77 19.39 -9.84
N ASN B 42 0.54 20.08 -10.98
CA ASN B 42 -0.37 21.23 -11.03
C ASN B 42 -1.84 20.78 -10.97
N PRO B 43 -2.68 21.41 -10.13
CA PRO B 43 -4.08 20.96 -10.01
C PRO B 43 -5.00 21.27 -11.20
N ASN B 44 -4.86 22.47 -11.81
CA ASN B 44 -5.65 22.89 -12.96
C ASN B 44 -5.43 22.01 -14.21
N MET B 45 -4.52 21.04 -14.07
CA MET B 45 -4.14 20.08 -15.11
C MET B 45 -4.82 18.71 -14.93
N PHE B 46 -5.56 18.50 -13.82
CA PHE B 46 -6.23 17.24 -13.53
C PHE B 46 -7.54 17.03 -14.33
N PRO B 47 -7.73 15.87 -15.00
CA PRO B 47 -8.94 15.64 -15.84
C PRO B 47 -10.30 15.81 -15.18
N PHE B 48 -10.47 15.32 -13.96
CA PHE B 48 -11.75 15.40 -13.27
C PHE B 48 -11.87 16.74 -12.56
N LYS B 49 -12.95 17.49 -12.87
CA LYS B 49 -13.12 18.83 -12.34
C LYS B 49 -14.08 18.97 -11.18
N THR B 50 -15.23 18.24 -11.24
CA THR B 50 -16.27 18.24 -10.19
C THR B 50 -16.77 16.80 -9.90
N ALA B 51 -17.43 16.61 -8.72
CA ALA B 51 -17.97 15.31 -8.28
C ALA B 51 -19.19 15.48 -7.36
N VAL B 52 -20.22 14.61 -7.53
CA VAL B 52 -21.43 14.62 -6.70
C VAL B 52 -21.98 13.19 -6.39
N ILE B 53 -21.55 12.68 -5.23
CA ILE B 53 -21.86 11.36 -4.65
C ILE B 53 -23.15 11.44 -3.84
N THR B 54 -24.03 10.44 -4.02
CA THR B 54 -25.29 10.37 -3.29
C THR B 54 -25.16 9.44 -2.09
N VAL B 55 -25.66 9.93 -0.97
CA VAL B 55 -25.67 9.24 0.31
C VAL B 55 -27.08 8.71 0.60
N GLU B 56 -27.13 7.43 1.04
CA GLU B 56 -28.36 6.74 1.41
C GLU B 56 -28.86 7.39 2.67
N ASN B 57 -30.09 7.97 2.57
CA ASN B 57 -30.80 8.66 3.65
C ASN B 57 -29.81 9.55 4.43
N GLY B 58 -29.38 10.59 3.73
CA GLY B 58 -28.40 11.57 4.17
C GLY B 58 -28.00 12.53 3.07
N LYS B 59 -27.57 13.74 3.45
CA LYS B 59 -27.18 14.78 2.49
C LYS B 59 -26.02 14.41 1.58
N THR B 60 -26.37 14.22 0.31
CA THR B 60 -25.52 13.85 -0.81
C THR B 60 -24.31 14.77 -0.94
N ILE B 61 -23.11 14.18 -0.97
CA ILE B 61 -21.81 14.85 -1.03
C ILE B 61 -21.54 15.53 -2.37
N GLN B 62 -20.86 16.69 -2.34
CA GLN B 62 -20.39 17.46 -3.49
C GLN B 62 -18.92 17.78 -3.29
N PHE B 63 -18.12 17.61 -4.35
CA PHE B 63 -16.69 17.91 -4.33
C PHE B 63 -16.45 19.13 -5.21
N GLY B 64 -16.59 20.32 -4.60
CA GLY B 64 -16.43 21.62 -5.24
C GLY B 64 -15.13 21.78 -6.00
N GLU B 65 -15.08 22.72 -6.96
CA GLU B 65 -13.92 22.99 -7.82
C GLU B 65 -12.61 22.77 -7.04
N GLU B 66 -12.46 23.48 -5.90
CA GLU B 66 -11.30 23.40 -5.02
C GLU B 66 -11.18 22.07 -4.25
N MET B 67 -12.27 21.63 -3.58
CA MET B 67 -12.38 20.39 -2.78
C MET B 67 -12.02 19.18 -3.65
N MET B 68 -12.37 19.24 -4.95
CA MET B 68 -12.07 18.23 -5.95
C MET B 68 -10.61 18.28 -6.25
N LYS B 69 -10.03 19.48 -6.42
CA LYS B 69 -8.58 19.64 -6.68
C LYS B 69 -7.78 19.01 -5.53
N ARG B 70 -8.24 19.26 -4.27
CA ARG B 70 -7.68 18.72 -3.03
C ARG B 70 -7.76 17.19 -3.00
N ALA B 71 -8.92 16.67 -3.45
CA ALA B 71 -9.24 15.24 -3.52
C ALA B 71 -8.36 14.48 -4.48
N LEU B 72 -7.80 15.17 -5.49
CA LEU B 72 -6.96 14.56 -6.52
C LEU B 72 -5.45 14.77 -6.31
N GLN B 73 -5.05 15.57 -5.30
CA GLN B 73 -3.65 15.88 -5.01
C GLN B 73 -3.13 15.10 -3.82
N TYR B 74 -1.79 14.98 -3.68
CA TYR B 74 -1.11 14.29 -2.56
C TYR B 74 -1.65 14.83 -1.22
N SER B 75 -2.00 13.93 -0.30
CA SER B 75 -2.49 14.29 1.01
C SER B 75 -1.52 13.76 2.09
N PRO B 76 -1.66 14.09 3.39
CA PRO B 76 -0.69 13.56 4.38
C PRO B 76 -0.63 12.05 4.40
N SER B 77 0.60 11.59 4.64
CA SER B 77 1.06 10.20 4.73
C SER B 77 0.25 9.30 5.73
N ALA B 78 -0.09 9.83 6.93
CA ALA B 78 -0.87 9.08 7.94
C ALA B 78 -2.39 9.30 7.86
N GLY B 79 -2.84 9.90 6.75
CA GLY B 79 -4.25 10.21 6.51
C GLY B 79 -4.58 11.69 6.61
N ILE B 80 -5.78 12.05 6.13
CA ILE B 80 -6.24 13.43 6.17
C ILE B 80 -6.60 13.84 7.61
N PRO B 81 -6.24 15.10 8.00
CA PRO B 81 -6.49 15.57 9.37
C PRO B 81 -7.91 15.32 9.90
N GLU B 82 -8.95 15.70 9.10
CA GLU B 82 -10.37 15.57 9.44
C GLU B 82 -10.88 14.16 9.65
N LEU B 83 -10.30 13.15 8.97
CA LEU B 83 -10.67 11.76 9.23
C LEU B 83 -9.98 11.41 10.55
N LEU B 84 -8.63 11.53 10.53
CA LEU B 84 -7.72 11.28 11.64
C LEU B 84 -8.22 11.88 12.96
N SER B 85 -8.94 13.01 12.90
CA SER B 85 -9.53 13.63 14.07
C SER B 85 -10.79 12.87 14.51
N TRP B 86 -11.73 12.66 13.55
CA TRP B 86 -13.02 12.00 13.77
C TRP B 86 -12.78 10.63 14.35
N LEU B 87 -11.83 9.91 13.73
CA LEU B 87 -11.42 8.57 14.12
C LEU B 87 -10.88 8.54 15.54
N LYS B 88 -10.09 9.57 15.92
CA LYS B 88 -9.57 9.68 17.29
C LYS B 88 -10.78 9.78 18.24
N GLN B 89 -11.66 10.78 18.00
CA GLN B 89 -12.85 11.03 18.82
C GLN B 89 -13.72 9.79 18.97
N LEU B 90 -13.93 9.04 17.85
CA LEU B 90 -14.72 7.80 17.79
C LEU B 90 -14.20 6.75 18.74
N GLN B 91 -12.87 6.48 18.64
CA GLN B 91 -12.14 5.49 19.44
C GLN B 91 -12.19 5.77 20.95
N ILE B 92 -11.99 7.05 21.34
CA ILE B 92 -12.07 7.48 22.74
C ILE B 92 -13.54 7.29 23.18
N LYS B 93 -14.53 7.75 22.35
CA LYS B 93 -15.94 7.62 22.68
C LYS B 93 -16.36 6.16 22.84
N LEU B 94 -15.95 5.29 21.91
CA LEU B 94 -16.24 3.86 21.93
C LEU B 94 -15.60 3.06 23.05
N HIS B 95 -14.30 3.20 23.25
CA HIS B 95 -13.60 2.41 24.26
C HIS B 95 -12.37 3.16 24.77
N ASN B 96 -12.62 4.37 25.35
CA ASN B 96 -11.68 5.30 25.99
C ASN B 96 -10.42 4.56 26.44
N PRO B 97 -9.35 4.72 25.64
CA PRO B 97 -8.11 3.99 25.93
C PRO B 97 -7.35 4.65 27.07
N PRO B 98 -6.70 3.86 27.96
CA PRO B 98 -5.94 4.47 29.08
C PRO B 98 -4.78 5.33 28.59
N THR B 99 -4.27 4.96 27.41
CA THR B 99 -3.10 5.51 26.78
C THR B 99 -3.24 6.94 26.14
N ILE B 100 -4.46 7.51 26.12
CA ILE B 100 -4.72 8.84 25.52
C ILE B 100 -3.80 9.99 25.94
N HIS B 101 -3.64 10.25 27.25
CA HIS B 101 -2.81 11.36 27.68
C HIS B 101 -1.35 10.99 28.00
N TYR B 102 -1.02 9.69 27.90
CA TYR B 102 0.32 9.12 28.17
C TYR B 102 1.43 9.86 27.40
N PRO B 103 2.66 10.04 27.94
CA PRO B 103 3.72 10.66 27.13
C PRO B 103 4.09 9.74 25.94
N PRO B 104 4.38 10.29 24.73
CA PRO B 104 4.78 9.42 23.61
C PRO B 104 5.99 8.57 23.99
N SER B 105 6.91 9.17 24.80
CA SER B 105 8.11 8.57 25.41
C SER B 105 7.72 7.17 25.92
N GLN B 106 6.59 7.10 26.68
CA GLN B 106 5.98 5.85 27.13
C GLN B 106 5.22 5.27 25.91
N GLY B 107 3.89 5.36 25.83
CA GLY B 107 3.19 4.83 24.66
C GLY B 107 1.90 5.47 24.20
N GLN B 108 1.88 6.81 24.13
CA GLN B 108 0.72 7.63 23.72
C GLN B 108 -0.09 7.03 22.59
N MET B 109 -1.42 7.18 22.65
CA MET B 109 -2.34 6.69 21.64
C MET B 109 -2.13 7.47 20.36
N ASP B 110 -1.86 6.75 19.25
CA ASP B 110 -1.71 7.35 17.93
C ASP B 110 -2.60 6.64 16.91
N LEU B 111 -3.06 7.38 15.92
CA LEU B 111 -3.92 6.84 14.87
C LEU B 111 -3.30 7.01 13.52
N CYS B 112 -3.57 6.04 12.68
CA CYS B 112 -3.00 5.97 11.36
C CYS B 112 -4.01 5.36 10.43
N VAL B 113 -4.35 6.11 9.40
CA VAL B 113 -5.25 5.62 8.39
C VAL B 113 -4.39 4.82 7.38
N THR B 114 -4.82 3.59 7.15
CA THR B 114 -4.17 2.69 6.23
C THR B 114 -5.14 2.33 5.11
N SER B 115 -4.55 2.04 3.92
CA SER B 115 -5.26 1.60 2.71
C SER B 115 -5.79 0.16 3.01
N GLY B 116 -6.97 0.12 3.64
CA GLY B 116 -7.61 -1.10 4.13
C GLY B 116 -6.92 -1.60 5.38
N SER B 117 -7.64 -2.35 6.25
CA SER B 117 -7.05 -2.90 7.48
C SER B 117 -5.87 -3.90 7.26
N GLN B 118 -5.87 -4.64 6.14
CA GLN B 118 -4.78 -5.55 5.76
C GLN B 118 -3.39 -4.87 5.82
N GLN B 119 -3.30 -3.58 5.37
CA GLN B 119 -2.08 -2.79 5.35
C GLN B 119 -1.52 -2.59 6.75
N GLY B 120 -2.39 -2.15 7.66
CA GLY B 120 -2.01 -1.91 9.04
C GLY B 120 -1.28 -3.11 9.60
N LEU B 121 -2.00 -4.25 9.60
CA LEU B 121 -1.55 -5.56 10.05
C LEU B 121 -0.24 -5.97 9.39
N CYS B 122 -0.20 -5.92 8.04
CA CYS B 122 1.00 -6.27 7.29
C CYS B 122 2.20 -5.48 7.77
N LYS B 123 2.15 -4.15 7.63
CA LYS B 123 3.23 -3.28 8.09
C LYS B 123 3.56 -3.59 9.57
N VAL B 124 2.54 -3.84 10.43
CA VAL B 124 2.76 -4.19 11.83
C VAL B 124 3.64 -5.45 11.96
N PHE B 125 3.27 -6.56 11.27
CA PHE B 125 4.01 -7.83 11.33
C PHE B 125 5.43 -7.66 10.83
N GLU B 126 5.58 -6.87 9.76
CA GLU B 126 6.86 -6.56 9.10
C GLU B 126 7.74 -5.71 10.01
N MET B 127 7.10 -4.83 10.82
CA MET B 127 7.76 -3.98 11.81
C MET B 127 8.35 -4.84 12.92
N ILE B 128 7.62 -5.90 13.32
CA ILE B 128 7.95 -6.77 14.45
C ILE B 128 8.84 -7.98 14.20
N ILE B 129 8.39 -8.86 13.31
CA ILE B 129 8.96 -10.18 13.02
C ILE B 129 10.37 -10.29 12.44
N ASN B 130 11.24 -11.03 13.17
CA ASN B 130 12.60 -11.42 12.72
C ASN B 130 12.57 -12.92 12.53
N PRO B 131 13.09 -13.46 11.41
CA PRO B 131 13.09 -14.93 11.23
C PRO B 131 13.56 -15.68 12.46
N GLY B 132 12.69 -16.54 12.98
CA GLY B 132 12.98 -17.31 14.18
C GLY B 132 12.20 -16.85 15.39
N ASP B 133 11.67 -15.61 15.33
CA ASP B 133 10.85 -15.00 16.38
C ASP B 133 9.64 -15.89 16.66
N ASN B 134 9.09 -15.81 17.87
CA ASN B 134 7.93 -16.63 18.19
C ASN B 134 6.66 -15.79 18.24
N VAL B 135 5.60 -16.25 17.56
CA VAL B 135 4.31 -15.55 17.56
C VAL B 135 3.13 -16.45 17.86
N LEU B 136 2.19 -15.98 18.69
CA LEU B 136 1.02 -16.79 19.05
C LEU B 136 -0.29 -16.28 18.43
N LEU B 137 -1.17 -17.23 18.10
CA LEU B 137 -2.51 -17.06 17.54
C LEU B 137 -3.33 -18.40 17.54
N ASP B 138 -4.67 -18.28 17.51
CA ASP B 138 -5.59 -19.43 17.52
C ASP B 138 -5.97 -19.93 16.11
N GLU B 139 -5.64 -21.19 15.80
CA GLU B 139 -6.04 -21.78 14.53
C GLU B 139 -7.45 -22.37 14.76
N PRO B 140 -8.40 -22.27 13.81
CA PRO B 140 -8.29 -21.62 12.51
C PRO B 140 -8.38 -20.11 12.64
N ALA B 141 -7.42 -19.44 12.02
CA ALA B 141 -7.35 -17.99 11.99
C ALA B 141 -7.42 -17.56 10.54
N TYR B 142 -7.71 -16.28 10.35
CA TYR B 142 -7.85 -15.64 9.05
C TYR B 142 -6.68 -15.95 8.07
N SER B 143 -7.00 -16.74 7.04
CA SER B 143 -6.08 -17.18 5.99
C SER B 143 -5.09 -16.09 5.54
N GLY B 144 -5.55 -14.85 5.43
CA GLY B 144 -4.73 -13.72 4.98
C GLY B 144 -3.63 -13.25 5.91
N THR B 145 -3.75 -13.56 7.21
CA THR B 145 -2.77 -13.21 8.24
C THR B 145 -1.77 -14.34 8.33
N LEU B 146 -2.21 -15.54 7.97
CA LEU B 146 -1.35 -16.70 7.87
C LEU B 146 -0.51 -16.49 6.59
N GLN B 147 -1.19 -15.99 5.52
CA GLN B 147 -0.60 -15.71 4.22
C GLN B 147 0.47 -14.66 4.41
N SER B 148 0.26 -13.73 5.38
CA SER B 148 1.16 -12.64 5.74
C SER B 148 2.42 -13.12 6.47
N LEU B 149 2.26 -14.01 7.46
CA LEU B 149 3.36 -14.51 8.30
C LEU B 149 4.21 -15.57 7.64
N HIS B 150 3.55 -16.51 6.90
CA HIS B 150 4.20 -17.60 6.19
C HIS B 150 5.57 -17.21 5.59
N PRO B 151 5.73 -16.11 4.80
CA PRO B 151 7.07 -15.81 4.27
C PRO B 151 8.01 -15.14 5.28
N LEU B 152 7.46 -14.32 6.19
CA LEU B 152 8.19 -13.58 7.23
C LEU B 152 9.09 -14.41 8.20
N GLY B 153 9.11 -15.74 7.99
CA GLY B 153 9.95 -16.74 8.66
C GLY B 153 9.87 -16.90 10.16
N CYS B 154 8.74 -16.54 10.76
CA CYS B 154 8.46 -16.67 12.21
C CYS B 154 7.87 -18.03 12.49
N ASN B 155 7.72 -18.36 13.78
CA ASN B 155 7.11 -19.59 14.22
C ASN B 155 5.77 -19.27 14.81
N ILE B 156 4.72 -19.93 14.34
CA ILE B 156 3.37 -19.72 14.86
C ILE B 156 2.88 -20.81 15.78
N ILE B 157 2.90 -20.51 17.09
CA ILE B 157 2.43 -21.34 18.20
C ILE B 157 0.88 -21.23 18.28
N ASN B 158 0.18 -22.35 18.11
CA ASN B 158 -1.27 -22.30 18.15
C ASN B 158 -1.79 -22.34 19.59
N VAL B 159 -2.64 -21.36 19.93
CA VAL B 159 -3.29 -21.25 21.23
C VAL B 159 -4.66 -21.87 21.06
N ALA B 160 -5.01 -22.80 21.95
CA ALA B 160 -6.29 -23.50 21.87
C ALA B 160 -7.47 -22.56 22.07
N SER B 161 -8.52 -22.77 21.28
CA SER B 161 -9.70 -21.91 21.29
C SER B 161 -10.99 -22.72 21.27
N ASP B 162 -12.08 -22.13 21.79
CA ASP B 162 -13.40 -22.73 21.81
C ASP B 162 -14.50 -21.77 21.30
N GLU B 163 -15.78 -22.12 21.54
CA GLU B 163 -16.97 -21.34 21.17
C GLU B 163 -16.87 -19.91 21.70
N SER B 164 -16.07 -19.71 22.77
CA SER B 164 -15.81 -18.39 23.33
C SER B 164 -14.42 -17.83 22.87
N GLY B 165 -13.86 -18.47 21.85
CA GLY B 165 -12.55 -18.09 21.33
C GLY B 165 -11.42 -18.66 22.15
N ILE B 166 -10.24 -18.03 22.02
CA ILE B 166 -8.96 -18.38 22.64
C ILE B 166 -9.05 -18.61 24.15
N VAL B 167 -8.64 -19.83 24.57
CA VAL B 167 -8.68 -20.36 25.94
C VAL B 167 -7.51 -19.80 26.75
N PRO B 168 -7.80 -18.93 27.76
CA PRO B 168 -6.71 -18.33 28.55
C PRO B 168 -5.78 -19.34 29.23
N ASP B 169 -6.34 -20.50 29.61
CA ASP B 169 -5.54 -21.55 30.23
C ASP B 169 -4.59 -22.20 29.20
N SER B 170 -4.97 -22.20 27.90
CA SER B 170 -4.14 -22.78 26.84
C SER B 170 -2.85 -22.04 26.82
N LEU B 171 -2.96 -20.72 26.65
CA LEU B 171 -1.87 -19.77 26.60
C LEU B 171 -1.01 -19.90 27.85
N ARG B 172 -1.63 -20.00 29.05
CA ARG B 172 -0.89 -20.13 30.30
C ARG B 172 0.09 -21.29 30.26
N ASP B 173 -0.36 -22.50 29.88
CA ASP B 173 0.57 -23.63 29.81
C ASP B 173 1.49 -23.62 28.58
N ILE B 174 1.17 -22.75 27.61
CA ILE B 174 2.01 -22.52 26.42
C ILE B 174 3.21 -21.65 26.86
N LEU B 175 2.91 -20.52 27.59
CA LEU B 175 3.88 -19.55 28.09
C LEU B 175 4.80 -20.10 29.21
N SER B 176 4.40 -21.25 29.84
CA SER B 176 5.19 -21.96 30.87
C SER B 176 6.57 -22.20 30.30
N ARG B 177 6.63 -22.44 28.96
CA ARG B 177 7.83 -22.69 28.17
C ARG B 177 8.98 -21.83 28.65
N TRP B 178 8.78 -20.51 28.67
CA TRP B 178 9.79 -19.56 29.10
C TRP B 178 9.44 -19.04 30.50
N LYS B 179 10.39 -18.33 31.11
CA LYS B 179 10.15 -17.77 32.42
C LYS B 179 9.74 -16.31 32.24
N PRO B 180 8.79 -15.75 33.04
CA PRO B 180 8.34 -14.36 32.83
C PRO B 180 9.44 -13.31 32.68
N GLU B 181 10.62 -13.57 33.29
CA GLU B 181 11.81 -12.71 33.23
C GLU B 181 12.62 -12.93 31.93
N ASP B 182 12.50 -14.11 31.28
CA ASP B 182 13.23 -14.47 30.05
C ASP B 182 12.97 -13.48 28.89
N ALA B 183 11.83 -12.75 28.94
CA ALA B 183 11.40 -11.73 27.96
C ALA B 183 12.32 -10.54 27.97
N LYS B 184 12.92 -10.23 29.13
CA LYS B 184 13.88 -9.14 29.31
C LYS B 184 15.18 -9.51 28.59
N ASN B 185 15.69 -10.73 28.86
CA ASN B 185 16.91 -11.28 28.26
C ASN B 185 16.77 -11.50 26.75
N PRO B 186 17.75 -11.03 25.95
CA PRO B 186 17.64 -11.16 24.48
C PRO B 186 17.79 -12.59 23.92
N GLN B 187 18.77 -13.35 24.47
CA GLN B 187 19.13 -14.71 24.08
C GLN B 187 17.98 -15.73 24.03
N LYS B 188 16.98 -15.59 24.94
CA LYS B 188 15.78 -16.42 24.94
C LYS B 188 14.77 -15.77 23.99
N ASN B 189 14.01 -16.58 23.23
CA ASN B 189 13.01 -16.11 22.28
C ASN B 189 11.57 -16.20 22.79
N THR B 190 11.19 -15.29 23.71
CA THR B 190 9.82 -15.22 24.23
C THR B 190 8.92 -14.60 23.13
N PRO B 191 7.61 -14.92 23.09
CA PRO B 191 6.75 -14.37 22.04
C PRO B 191 6.71 -12.84 21.98
N LYS B 192 6.84 -12.30 20.76
CA LYS B 192 6.86 -10.85 20.49
C LYS B 192 5.46 -10.21 20.50
N PHE B 193 4.44 -11.02 20.16
CA PHE B 193 3.04 -10.66 20.14
C PHE B 193 2.12 -11.87 20.07
N LEU B 194 0.84 -11.59 20.28
CA LEU B 194 -0.28 -12.49 20.13
C LEU B 194 -1.25 -11.74 19.23
N TYR B 195 -1.79 -12.43 18.23
CA TYR B 195 -2.77 -11.89 17.29
C TYR B 195 -4.07 -12.59 17.54
N THR B 196 -5.20 -11.85 17.41
CA THR B 196 -6.56 -12.44 17.38
C THR B 196 -7.62 -11.58 16.72
N VAL B 197 -8.69 -12.26 16.25
CA VAL B 197 -9.89 -11.61 15.76
C VAL B 197 -10.83 -11.89 16.93
N PRO B 198 -10.94 -10.91 17.85
CA PRO B 198 -11.72 -11.15 19.06
C PRO B 198 -13.22 -11.19 18.84
N ASN B 199 -13.74 -10.61 17.75
CA ASN B 199 -15.16 -10.65 17.48
C ASN B 199 -15.46 -11.36 16.16
N GLY B 200 -16.30 -12.40 16.21
CA GLY B 200 -16.73 -13.19 15.07
C GLY B 200 -15.58 -13.55 14.15
N ASN B 201 -14.59 -14.29 14.71
CA ASN B 201 -13.36 -14.71 14.03
C ASN B 201 -13.60 -15.40 12.72
N ASN B 202 -12.79 -15.02 11.73
CA ASN B 202 -12.74 -15.63 10.42
C ASN B 202 -11.78 -16.84 10.58
N PRO B 203 -12.25 -18.09 10.46
CA PRO B 203 -13.56 -18.55 9.96
C PRO B 203 -14.59 -18.98 11.02
N THR B 204 -14.15 -19.41 12.23
CA THR B 204 -14.94 -19.93 13.37
C THR B 204 -16.33 -19.28 13.53
N GLY B 205 -16.33 -17.95 13.59
CA GLY B 205 -17.50 -17.13 13.82
C GLY B 205 -17.61 -16.78 15.27
N ASN B 206 -16.73 -17.40 16.10
CA ASN B 206 -16.66 -17.24 17.56
C ASN B 206 -16.04 -15.91 17.98
N SER B 207 -16.42 -15.44 19.17
CA SER B 207 -15.97 -14.18 19.74
C SER B 207 -15.54 -14.32 21.22
N LEU B 208 -14.64 -13.43 21.69
CA LEU B 208 -14.09 -13.42 23.05
C LEU B 208 -15.03 -12.80 24.12
N THR B 209 -14.77 -13.15 25.38
CA THR B 209 -15.56 -12.59 26.47
C THR B 209 -14.71 -11.56 27.17
N SER B 210 -15.38 -10.57 27.79
CA SER B 210 -14.76 -9.50 28.56
C SER B 210 -13.79 -10.07 29.61
N GLU B 211 -14.21 -11.16 30.32
CA GLU B 211 -13.39 -11.81 31.33
C GLU B 211 -12.15 -12.41 30.77
N ARG B 212 -12.26 -13.29 29.75
CA ARG B 212 -11.08 -13.89 29.14
C ARG B 212 -10.17 -12.87 28.45
N LYS B 213 -10.74 -11.73 27.99
CA LYS B 213 -9.96 -10.61 27.44
C LYS B 213 -9.09 -10.01 28.57
N LYS B 214 -9.60 -10.04 29.83
CA LYS B 214 -8.89 -9.60 31.02
C LYS B 214 -7.71 -10.55 31.29
N GLU B 215 -8.00 -11.88 31.30
CA GLU B 215 -7.02 -12.94 31.52
C GLU B 215 -5.90 -12.83 30.48
N ILE B 216 -6.25 -12.76 29.19
CA ILE B 216 -5.27 -12.62 28.12
C ILE B 216 -4.42 -11.35 28.32
N TYR B 217 -5.05 -10.18 28.62
CA TYR B 217 -4.29 -8.95 28.86
C TYR B 217 -3.33 -9.12 30.03
N GLU B 218 -3.77 -9.76 31.14
CA GLU B 218 -2.88 -9.94 32.28
C GLU B 218 -1.80 -11.01 32.07
N LEU B 219 -1.91 -11.78 30.97
CA LEU B 219 -0.92 -12.79 30.56
C LEU B 219 0.07 -12.13 29.63
N ALA B 220 -0.40 -11.08 28.95
CA ALA B 220 0.39 -10.28 28.03
C ALA B 220 1.37 -9.42 28.80
N ARG B 221 0.99 -9.00 30.02
CA ARG B 221 1.89 -8.18 30.84
C ARG B 221 2.95 -9.02 31.51
N LYS B 222 2.58 -10.27 31.88
CA LYS B 222 3.46 -11.23 32.57
C LYS B 222 4.67 -11.55 31.67
N TYR B 223 4.45 -12.30 30.60
CA TYR B 223 5.51 -12.64 29.67
C TYR B 223 5.50 -11.54 28.62
N ASP B 224 5.76 -10.27 29.04
CA ASP B 224 5.75 -9.03 28.25
C ASP B 224 5.69 -9.16 26.73
N PHE B 225 4.46 -9.12 26.18
CA PHE B 225 4.30 -9.18 24.74
C PHE B 225 3.25 -8.18 24.23
N LEU B 226 3.02 -8.16 22.92
CA LEU B 226 2.02 -7.30 22.33
C LEU B 226 0.76 -8.11 22.03
N ILE B 227 -0.40 -7.46 22.01
CA ILE B 227 -1.65 -8.12 21.62
C ILE B 227 -2.00 -7.37 20.37
N ILE B 228 -2.17 -8.05 19.26
CA ILE B 228 -2.57 -7.29 18.09
C ILE B 228 -4.06 -7.53 17.73
N GLU B 229 -4.91 -6.60 18.21
CA GLU B 229 -6.37 -6.65 18.09
C GLU B 229 -6.91 -6.46 16.65
N ASP B 230 -6.96 -7.54 15.82
CA ASP B 230 -7.52 -7.42 14.48
C ASP B 230 -9.03 -7.58 14.57
N ASP B 231 -9.75 -6.45 14.67
CA ASP B 231 -11.19 -6.50 14.88
C ASP B 231 -12.09 -5.93 13.74
N PRO B 232 -12.08 -6.46 12.47
CA PRO B 232 -12.98 -5.92 11.43
C PRO B 232 -14.49 -6.12 11.70
N TYR B 233 -14.82 -7.19 12.47
CA TYR B 233 -16.18 -7.61 12.81
C TYR B 233 -16.66 -7.10 14.15
N TYR B 234 -16.11 -5.94 14.58
CA TYR B 234 -16.49 -5.25 15.80
C TYR B 234 -17.87 -4.65 15.59
N PHE B 235 -18.06 -3.84 14.53
CA PHE B 235 -19.36 -3.24 14.21
C PHE B 235 -20.35 -4.23 13.60
N LEU B 236 -19.98 -5.53 13.51
CA LEU B 236 -20.85 -6.57 12.96
C LEU B 236 -21.25 -7.61 14.01
N GLN B 237 -21.24 -7.20 15.30
CA GLN B 237 -21.59 -8.04 16.44
C GLN B 237 -23.09 -8.26 16.53
N PHE B 238 -23.51 -9.51 16.74
CA PHE B 238 -24.94 -9.89 16.91
C PHE B 238 -25.36 -9.97 18.39
N ASN B 239 -24.59 -9.35 19.27
CA ASN B 239 -24.85 -9.34 20.71
C ASN B 239 -25.50 -8.03 21.15
N LYS B 240 -26.21 -8.13 22.28
CA LYS B 240 -26.99 -7.06 22.94
C LYS B 240 -26.21 -5.77 23.11
N PHE B 241 -24.93 -5.88 23.57
CA PHE B 241 -23.98 -4.79 23.74
C PHE B 241 -22.55 -5.26 23.50
N ARG B 242 -21.73 -4.39 22.89
CA ARG B 242 -20.33 -4.73 22.59
C ARG B 242 -19.40 -4.84 23.77
N VAL B 243 -18.54 -5.84 23.69
CA VAL B 243 -17.53 -6.19 24.68
C VAL B 243 -16.34 -5.15 24.77
N PRO B 244 -15.85 -4.80 26.01
CA PRO B 244 -14.69 -3.87 26.11
C PRO B 244 -13.45 -4.43 25.38
N THR B 245 -12.97 -3.71 24.33
CA THR B 245 -11.79 -4.12 23.53
C THR B 245 -10.53 -4.31 24.39
N PHE B 246 -9.50 -4.97 23.82
CA PHE B 246 -8.22 -5.13 24.51
C PHE B 246 -7.59 -3.74 24.64
N LEU B 247 -7.89 -2.86 23.66
CA LEU B 247 -7.42 -1.49 23.65
C LEU B 247 -7.95 -0.73 24.86
N SER B 248 -9.26 -0.92 25.21
CA SER B 248 -9.92 -0.26 26.35
C SER B 248 -9.25 -0.63 27.70
N MET B 249 -8.51 -1.74 27.70
CA MET B 249 -7.76 -2.27 28.85
C MET B 249 -6.30 -1.87 28.79
N ASP B 250 -5.80 -1.53 27.57
CA ASP B 250 -4.41 -1.21 27.26
C ASP B 250 -3.75 -0.11 28.08
N VAL B 251 -3.50 -0.45 29.36
CA VAL B 251 -2.89 0.42 30.36
C VAL B 251 -1.35 0.37 30.24
N ASP B 252 -0.82 -0.77 29.73
CA ASP B 252 0.61 -1.02 29.51
C ASP B 252 1.04 -0.50 28.14
N GLY B 253 0.08 -0.25 27.27
CA GLY B 253 0.36 0.20 25.92
C GLY B 253 0.95 -0.90 25.04
N ARG B 254 0.45 -2.12 25.20
CA ARG B 254 0.89 -3.28 24.44
C ARG B 254 -0.09 -3.73 23.34
N VAL B 255 -1.05 -2.89 22.99
CA VAL B 255 -2.06 -3.26 22.01
C VAL B 255 -2.07 -2.31 20.82
N ILE B 256 -2.09 -2.88 19.61
CA ILE B 256 -2.28 -2.17 18.37
C ILE B 256 -3.60 -2.77 17.91
N ARG B 257 -4.58 -1.93 17.65
CA ARG B 257 -5.89 -2.39 17.19
C ARG B 257 -6.14 -1.94 15.74
N ALA B 258 -6.53 -2.92 14.92
CA ALA B 258 -6.85 -2.72 13.51
C ALA B 258 -8.38 -2.69 13.30
N ASP B 259 -8.85 -1.60 12.65
CA ASP B 259 -10.27 -1.37 12.31
C ASP B 259 -10.46 -1.30 10.81
N SER B 260 -11.66 -1.69 10.36
CA SER B 260 -11.96 -1.70 8.94
C SER B 260 -13.36 -1.24 8.59
N PHE B 261 -13.45 -0.22 7.70
CA PHE B 261 -14.74 0.25 7.20
C PHE B 261 -15.23 -0.71 6.09
N SER B 262 -14.38 -1.71 5.75
CA SER B 262 -14.57 -2.76 4.74
C SER B 262 -15.90 -3.52 4.77
N LYS B 263 -16.52 -3.67 5.97
CA LYS B 263 -17.79 -4.41 6.02
C LYS B 263 -19.02 -3.51 6.19
N ILE B 264 -18.82 -2.31 6.75
CA ILE B 264 -19.86 -1.34 7.07
C ILE B 264 -20.04 -0.08 6.15
N ILE B 265 -18.96 0.33 5.44
CA ILE B 265 -18.93 1.51 4.57
C ILE B 265 -18.49 1.17 3.14
N SER B 266 -17.35 0.45 2.97
CA SER B 266 -16.78 0.02 1.68
C SER B 266 -15.50 -0.78 1.81
N SER B 267 -15.47 -1.87 1.04
CA SER B 267 -14.36 -2.80 0.92
C SER B 267 -13.43 -2.39 -0.23
N GLY B 268 -14.01 -1.72 -1.24
CA GLY B 268 -13.34 -1.26 -2.44
C GLY B 268 -12.54 0.00 -2.30
N LEU B 269 -13.02 0.95 -1.44
CA LEU B 269 -12.38 2.25 -1.16
C LEU B 269 -11.00 2.15 -0.48
N ARG B 270 -10.74 1.04 0.26
CA ARG B 270 -9.46 0.70 0.92
C ARG B 270 -9.09 1.68 2.04
N ILE B 271 -9.95 1.73 3.05
CA ILE B 271 -9.83 2.61 4.20
C ILE B 271 -10.00 1.87 5.52
N GLY B 272 -8.90 1.79 6.25
CA GLY B 272 -8.82 1.16 7.56
C GLY B 272 -8.01 2.03 8.48
N PHE B 273 -8.14 1.82 9.79
CA PHE B 273 -7.36 2.63 10.72
C PHE B 273 -6.67 1.85 11.83
N LEU B 274 -5.48 2.29 12.18
CA LEU B 274 -4.65 1.60 13.14
C LEU B 274 -4.51 2.36 14.44
N THR B 275 -4.90 1.72 15.56
CA THR B 275 -4.81 2.41 16.85
C THR B 275 -3.87 1.71 17.83
N GLY B 276 -2.67 2.26 17.97
CA GLY B 276 -1.65 1.69 18.84
C GLY B 276 -0.70 2.73 19.40
N PRO B 277 0.34 2.29 20.20
CA PRO B 277 1.28 3.26 20.79
C PRO B 277 2.03 4.07 19.76
N LYS B 278 2.19 5.38 20.02
CA LYS B 278 2.86 6.32 19.12
C LYS B 278 4.17 5.74 18.48
N PRO B 279 5.15 5.22 19.26
CA PRO B 279 6.37 4.68 18.64
C PRO B 279 6.17 3.59 17.57
N LEU B 280 5.28 2.65 17.87
CA LEU B 280 4.92 1.55 16.99
C LEU B 280 4.17 2.09 15.77
N ILE B 281 3.15 2.95 16.02
CA ILE B 281 2.35 3.57 14.96
C ILE B 281 3.25 4.39 14.03
N GLU B 282 4.15 5.21 14.60
CA GLU B 282 5.12 6.06 13.91
C GLU B 282 5.92 5.23 12.89
N ARG B 283 6.32 4.02 13.32
CA ARG B 283 7.11 3.09 12.55
C ARG B 283 6.37 2.60 11.32
N VAL B 284 5.07 2.25 11.45
CA VAL B 284 4.23 1.81 10.30
C VAL B 284 4.01 2.95 9.30
N ILE B 285 3.82 4.19 9.80
CA ILE B 285 3.63 5.41 9.00
C ILE B 285 4.86 5.60 8.10
N LEU B 286 6.08 5.48 8.71
CA LEU B 286 7.38 5.64 8.06
C LEU B 286 7.61 4.63 6.94
N HIS B 287 7.04 3.40 7.11
CA HIS B 287 7.10 2.36 6.09
C HIS B 287 6.10 2.73 4.98
N ILE B 288 4.85 3.14 5.36
CA ILE B 288 3.77 3.59 4.46
C ILE B 288 4.25 4.76 3.60
N GLN B 289 5.17 5.52 4.17
CA GLN B 289 5.76 6.68 3.54
C GLN B 289 6.53 6.33 2.28
N VAL B 290 7.24 5.19 2.26
CA VAL B 290 8.01 4.71 1.10
C VAL B 290 7.21 3.68 0.27
N SER B 291 6.04 3.32 0.79
CA SER B 291 5.14 2.31 0.25
C SER B 291 4.07 2.89 -0.71
N THR B 292 2.92 3.29 -0.17
CA THR B 292 1.78 3.80 -0.92
C THR B 292 1.68 5.31 -0.78
N LEU B 293 2.62 5.90 -0.02
CA LEU B 293 2.68 7.32 0.36
C LEU B 293 1.56 7.73 1.33
N HIS B 294 0.26 7.53 0.96
CA HIS B 294 -0.94 7.88 1.78
C HIS B 294 -2.20 7.21 1.24
N PRO B 295 -3.28 6.97 2.06
CA PRO B 295 -4.51 6.41 1.47
C PRO B 295 -5.14 7.41 0.48
N SER B 296 -5.80 6.89 -0.58
CA SER B 296 -6.47 7.69 -1.60
C SER B 296 -7.26 8.83 -0.96
N THR B 297 -6.78 10.07 -1.15
CA THR B 297 -7.39 11.27 -0.57
C THR B 297 -8.86 11.42 -0.93
N PHE B 298 -9.21 11.26 -2.25
CA PHE B 298 -10.59 11.35 -2.77
C PHE B 298 -11.55 10.49 -1.92
N ASN B 299 -11.25 9.18 -1.85
CA ASN B 299 -11.99 8.20 -1.07
C ASN B 299 -12.06 8.68 0.36
N GLN B 300 -10.90 9.00 1.00
CA GLN B 300 -10.82 9.53 2.38
C GLN B 300 -11.80 10.68 2.59
N LEU B 301 -11.90 11.59 1.59
CA LEU B 301 -12.80 12.71 1.66
C LEU B 301 -14.26 12.26 1.60
N MET B 302 -14.63 11.29 0.73
CA MET B 302 -16.01 10.75 0.65
C MET B 302 -16.44 10.16 2.00
N ILE B 303 -15.54 9.36 2.63
CA ILE B 303 -15.77 8.70 3.93
C ILE B 303 -15.87 9.73 5.07
N SER B 304 -14.86 10.61 5.19
CA SER B 304 -14.82 11.65 6.23
C SER B 304 -16.04 12.54 6.11
N GLN B 305 -16.33 13.04 4.89
CA GLN B 305 -17.47 13.92 4.66
C GLN B 305 -18.84 13.34 5.04
N LEU B 306 -19.01 12.02 4.79
CA LEU B 306 -20.20 11.25 5.17
C LEU B 306 -20.28 11.17 6.71
N LEU B 307 -19.21 10.68 7.36
CA LEU B 307 -19.05 10.50 8.81
C LEU B 307 -19.28 11.76 9.63
N HIS B 308 -18.78 12.92 9.14
CA HIS B 308 -18.96 14.21 9.82
C HIS B 308 -20.45 14.59 9.81
N GLU B 309 -21.13 14.44 8.64
CA GLU B 309 -22.55 14.71 8.40
C GLU B 309 -23.45 13.85 9.29
N TRP B 310 -23.22 12.51 9.26
CA TRP B 310 -23.93 11.49 10.02
C TRP B 310 -23.69 11.71 11.51
N GLY B 311 -22.45 12.05 11.86
CA GLY B 311 -22.04 12.21 13.25
C GLY B 311 -21.91 10.84 13.89
N GLU B 312 -21.59 10.80 15.20
CA GLU B 312 -21.48 9.49 15.83
C GLU B 312 -22.80 8.76 15.92
N GLU B 313 -23.93 9.50 16.06
CA GLU B 313 -25.29 8.98 16.05
C GLU B 313 -25.63 8.35 14.70
N GLY B 314 -25.51 9.13 13.63
CA GLY B 314 -25.80 8.69 12.26
C GLY B 314 -25.00 7.51 11.78
N PHE B 315 -23.69 7.47 12.16
CA PHE B 315 -22.76 6.37 11.84
C PHE B 315 -23.22 5.10 12.56
N MET B 316 -23.54 5.26 13.87
CA MET B 316 -24.01 4.20 14.74
C MET B 316 -25.32 3.63 14.23
N ALA B 317 -26.24 4.53 13.78
CA ALA B 317 -27.54 4.22 13.18
C ALA B 317 -27.40 3.29 11.96
N HIS B 318 -26.34 3.51 11.16
CA HIS B 318 -26.00 2.73 9.97
C HIS B 318 -25.44 1.36 10.36
N VAL B 319 -24.57 1.29 11.40
CA VAL B 319 -24.03 -0.03 11.79
C VAL B 319 -25.13 -0.93 12.34
N ASP B 320 -26.12 -0.34 13.01
CA ASP B 320 -27.27 -1.07 13.54
C ASP B 320 -28.08 -1.58 12.36
N ARG B 321 -28.27 -0.73 11.32
CA ARG B 321 -28.98 -1.11 10.10
C ARG B 321 -28.33 -2.31 9.40
N VAL B 322 -26.97 -2.32 9.27
CA VAL B 322 -26.27 -3.44 8.65
C VAL B 322 -26.35 -4.69 9.54
N ILE B 323 -26.15 -4.53 10.87
CA ILE B 323 -26.21 -5.64 11.83
C ILE B 323 -27.51 -6.43 11.67
N ASP B 324 -28.65 -5.71 11.68
CA ASP B 324 -29.99 -6.24 11.51
C ASP B 324 -30.08 -7.12 10.25
N PHE B 325 -29.58 -6.61 9.11
CA PHE B 325 -29.54 -7.33 7.84
C PHE B 325 -28.74 -8.62 8.00
N TYR B 326 -27.46 -8.51 8.41
CA TYR B 326 -26.59 -9.69 8.58
C TYR B 326 -27.09 -10.71 9.60
N SER B 327 -27.95 -10.27 10.53
CA SER B 327 -28.55 -11.13 11.56
C SER B 327 -29.59 -12.07 10.95
N ASN B 328 -30.46 -11.56 10.06
CA ASN B 328 -31.47 -12.37 9.36
C ASN B 328 -30.81 -13.37 8.40
N GLN B 329 -29.66 -12.99 7.81
CA GLN B 329 -28.85 -13.81 6.92
C GLN B 329 -28.23 -14.96 7.75
N LYS B 330 -27.84 -14.67 9.01
CA LYS B 330 -27.29 -15.60 10.00
C LYS B 330 -28.46 -16.56 10.26
N ASP B 331 -29.62 -16.01 10.64
CA ASP B 331 -30.86 -16.75 10.84
C ASP B 331 -31.22 -17.61 9.62
N ALA B 332 -30.90 -17.14 8.41
CA ALA B 332 -31.18 -17.84 7.16
C ALA B 332 -30.29 -19.06 6.99
N ILE B 333 -28.96 -18.86 6.93
CA ILE B 333 -27.98 -19.95 6.76
C ILE B 333 -28.11 -21.01 7.86
N LEU B 334 -28.42 -20.57 9.10
CA LEU B 334 -28.57 -21.46 10.22
C LEU B 334 -29.75 -22.41 9.96
N ALA B 335 -30.92 -21.83 9.61
CA ALA B 335 -32.15 -22.53 9.24
C ALA B 335 -31.91 -23.45 8.03
N ALA B 336 -30.99 -23.04 7.14
CA ALA B 336 -30.61 -23.80 5.96
C ALA B 336 -29.91 -25.10 6.39
N ALA B 337 -28.87 -25.00 7.25
CA ALA B 337 -28.15 -26.18 7.74
C ALA B 337 -29.11 -27.00 8.60
N ASP B 338 -29.83 -26.33 9.53
CA ASP B 338 -30.83 -26.95 10.40
C ASP B 338 -31.66 -27.95 9.65
N LYS B 339 -32.10 -27.58 8.44
CA LYS B 339 -32.91 -28.39 7.55
C LYS B 339 -32.19 -29.65 7.07
N TRP B 340 -31.22 -29.45 6.17
CA TRP B 340 -30.47 -30.49 5.48
C TRP B 340 -29.26 -31.07 6.20
N LEU B 341 -28.50 -30.23 6.90
CA LEU B 341 -27.25 -30.60 7.53
C LEU B 341 -27.27 -31.29 8.89
N THR B 342 -28.39 -31.25 9.64
CA THR B 342 -28.49 -31.91 10.95
C THR B 342 -28.10 -33.39 10.88
N GLY B 343 -27.28 -33.82 11.83
CA GLY B 343 -26.82 -35.20 11.90
C GLY B 343 -25.70 -35.53 10.94
N LEU B 344 -25.54 -34.73 9.88
CA LEU B 344 -24.50 -34.89 8.87
C LEU B 344 -23.34 -33.94 9.15
N ALA B 345 -23.62 -32.87 9.90
CA ALA B 345 -22.67 -31.84 10.26
C ALA B 345 -22.78 -31.34 11.69
N GLU B 346 -21.71 -30.68 12.14
CA GLU B 346 -21.57 -30.02 13.43
C GLU B 346 -21.24 -28.55 13.11
N TRP B 347 -21.90 -27.59 13.81
CA TRP B 347 -21.69 -26.16 13.61
C TRP B 347 -22.09 -25.34 14.83
N HIS B 348 -21.42 -24.20 15.02
CA HIS B 348 -21.73 -23.26 16.10
C HIS B 348 -22.55 -22.12 15.52
N VAL B 349 -22.99 -21.19 16.38
CA VAL B 349 -23.73 -20.03 15.92
C VAL B 349 -22.77 -18.83 15.96
N PRO B 350 -22.72 -18.02 14.91
CA PRO B 350 -21.82 -16.88 14.92
C PRO B 350 -22.23 -15.88 15.97
N ALA B 351 -21.22 -15.28 16.62
CA ALA B 351 -21.34 -14.25 17.65
C ALA B 351 -21.40 -12.86 16.96
N ALA B 352 -20.64 -12.73 15.87
CA ALA B 352 -20.45 -11.56 15.02
C ALA B 352 -19.90 -12.07 13.66
N GLY B 353 -19.71 -11.17 12.70
CA GLY B 353 -19.16 -11.55 11.41
C GLY B 353 -20.15 -12.07 10.40
N MET B 354 -19.62 -12.53 9.25
CA MET B 354 -20.38 -13.02 8.10
C MET B 354 -20.09 -14.48 7.67
N PHE B 355 -19.55 -15.32 8.57
CA PHE B 355 -19.21 -16.69 8.24
C PHE B 355 -19.70 -17.75 9.18
N LEU B 356 -20.07 -18.91 8.61
CA LEU B 356 -20.51 -20.11 9.30
C LEU B 356 -19.45 -21.21 9.11
N TRP B 357 -18.95 -21.71 10.23
CA TRP B 357 -17.95 -22.77 10.32
C TRP B 357 -18.75 -24.07 10.52
N ILE B 358 -18.57 -25.02 9.57
CA ILE B 358 -19.25 -26.32 9.53
C ILE B 358 -18.20 -27.46 9.64
N LYS B 359 -18.57 -28.56 10.31
CA LYS B 359 -17.69 -29.71 10.47
C LYS B 359 -18.44 -30.94 9.96
N VAL B 360 -17.92 -31.58 8.88
CA VAL B 360 -18.50 -32.78 8.29
C VAL B 360 -18.19 -33.98 9.17
N LYS B 361 -19.25 -34.67 9.60
CA LYS B 361 -19.17 -35.84 10.48
C LYS B 361 -18.48 -37.03 9.84
N GLY B 362 -18.79 -37.30 8.57
CA GLY B 362 -18.28 -38.45 7.84
C GLY B 362 -16.85 -38.41 7.36
N ILE B 363 -16.50 -37.30 6.69
CA ILE B 363 -15.17 -37.10 6.09
C ILE B 363 -14.17 -36.55 7.12
N ASN B 364 -12.87 -36.56 6.74
CA ASN B 364 -11.72 -36.07 7.49
C ASN B 364 -11.04 -34.95 6.70
N ASP B 365 -11.33 -34.86 5.38
CA ASP B 365 -10.85 -33.82 4.45
C ASP B 365 -11.94 -33.39 3.47
N VAL B 366 -12.61 -32.30 3.81
CA VAL B 366 -13.71 -31.70 3.06
C VAL B 366 -13.33 -31.21 1.64
N LYS B 367 -12.01 -31.03 1.36
CA LYS B 367 -11.54 -30.61 0.05
C LYS B 367 -11.96 -31.63 -1.01
N GLU B 368 -12.34 -32.85 -0.57
CA GLU B 368 -12.85 -33.93 -1.41
C GLU B 368 -14.20 -33.52 -2.02
N LEU B 369 -15.20 -33.20 -1.18
CA LEU B 369 -16.54 -32.79 -1.61
C LEU B 369 -16.49 -31.47 -2.38
N ILE B 370 -15.61 -30.55 -1.95
CA ILE B 370 -15.45 -29.26 -2.58
C ILE B 370 -14.72 -29.34 -3.94
N GLU B 371 -13.71 -30.25 -4.09
CA GLU B 371 -12.98 -30.42 -5.36
C GLU B 371 -13.82 -31.03 -6.48
N GLU B 372 -14.51 -32.13 -6.19
CA GLU B 372 -15.33 -32.81 -7.19
C GLU B 372 -16.76 -32.32 -7.28
N LYS B 373 -17.70 -32.99 -6.60
CA LYS B 373 -19.12 -32.70 -6.64
C LYS B 373 -19.58 -31.25 -6.47
N ALA B 374 -19.05 -30.49 -5.48
CA ALA B 374 -19.41 -29.08 -5.26
C ALA B 374 -19.27 -28.25 -6.55
N VAL B 375 -18.15 -28.46 -7.26
CA VAL B 375 -17.81 -27.79 -8.51
C VAL B 375 -18.93 -28.04 -9.55
N LYS B 376 -19.25 -29.34 -9.85
CA LYS B 376 -20.28 -29.75 -10.81
C LYS B 376 -21.70 -29.88 -10.25
N MET B 377 -22.07 -28.88 -9.43
CA MET B 377 -23.38 -28.66 -8.80
C MET B 377 -23.64 -27.12 -8.74
N GLY B 378 -22.70 -26.35 -9.29
CA GLY B 378 -22.76 -24.89 -9.39
C GLY B 378 -22.73 -24.08 -8.10
N VAL B 379 -22.59 -24.77 -6.94
CA VAL B 379 -22.56 -24.18 -5.59
C VAL B 379 -21.20 -24.37 -4.88
N LEU B 380 -20.45 -23.27 -4.63
CA LEU B 380 -19.13 -23.41 -4.00
C LEU B 380 -18.84 -22.67 -2.70
N MET B 381 -18.27 -23.40 -1.72
CA MET B 381 -17.91 -22.93 -0.37
C MET B 381 -16.52 -23.41 0.08
N LEU B 382 -15.72 -22.46 0.62
CA LEU B 382 -14.34 -22.60 1.12
C LEU B 382 -13.97 -23.80 2.02
N PRO B 383 -12.93 -24.59 1.68
CA PRO B 383 -12.50 -25.69 2.55
C PRO B 383 -11.57 -25.17 3.65
N GLY B 384 -11.73 -25.73 4.85
CA GLY B 384 -11.03 -25.35 6.08
C GLY B 384 -9.54 -25.17 6.04
N ASN B 385 -8.84 -26.13 5.41
CA ASN B 385 -7.37 -26.18 5.28
C ASN B 385 -6.65 -24.84 5.04
N ALA B 386 -7.28 -23.93 4.28
CA ALA B 386 -6.73 -22.60 3.99
C ALA B 386 -6.49 -21.75 5.24
N PHE B 387 -7.22 -22.09 6.32
CA PHE B 387 -7.22 -21.42 7.62
C PHE B 387 -6.30 -22.02 8.65
N TYR B 388 -5.32 -22.81 8.20
CA TYR B 388 -4.38 -23.43 9.12
C TYR B 388 -2.92 -23.24 8.71
N VAL B 389 -2.03 -23.11 9.73
CA VAL B 389 -0.56 -22.95 9.62
C VAL B 389 -0.06 -24.05 8.66
N ASP B 390 -0.56 -25.27 8.80
CA ASP B 390 -0.26 -26.37 7.90
C ASP B 390 -1.52 -26.65 7.05
N SER B 391 -1.50 -26.10 5.82
CA SER B 391 -2.53 -26.20 4.79
C SER B 391 -2.68 -27.66 4.23
N SER B 392 -1.55 -28.38 4.02
CA SER B 392 -1.48 -29.75 3.48
C SER B 392 -2.29 -30.78 4.28
N ALA B 393 -2.46 -30.52 5.59
CA ALA B 393 -3.18 -31.38 6.50
C ALA B 393 -4.64 -31.57 6.06
N PRO B 394 -5.25 -32.75 6.34
CA PRO B 394 -6.66 -32.93 6.00
C PRO B 394 -7.56 -32.14 6.96
N SER B 395 -8.62 -31.52 6.42
CA SER B 395 -9.54 -30.74 7.27
C SER B 395 -11.01 -30.97 6.95
N PRO B 396 -11.81 -31.41 7.96
CA PRO B 396 -13.24 -31.64 7.70
C PRO B 396 -14.09 -30.41 7.99
N TYR B 397 -13.54 -29.20 7.74
CA TYR B 397 -14.21 -27.95 8.05
C TYR B 397 -14.63 -27.09 6.87
N LEU B 398 -15.83 -26.52 6.96
CA LEU B 398 -16.37 -25.69 5.88
C LEU B 398 -16.68 -24.26 6.26
N ARG B 399 -16.25 -23.31 5.42
CA ARG B 399 -16.57 -21.92 5.67
C ARG B 399 -17.66 -21.48 4.70
N ALA B 400 -18.81 -21.07 5.23
CA ALA B 400 -19.90 -20.58 4.39
C ALA B 400 -20.16 -19.13 4.76
N SER B 401 -20.43 -18.29 3.75
CA SER B 401 -20.68 -16.87 3.96
C SER B 401 -22.13 -16.56 3.79
N PHE B 402 -22.71 -15.97 4.81
CA PHE B 402 -24.08 -15.54 4.77
C PHE B 402 -24.11 -14.01 4.57
N SER B 403 -23.11 -13.48 3.85
CA SER B 403 -23.06 -12.03 3.63
C SER B 403 -23.95 -11.58 2.49
N SER B 404 -23.92 -12.34 1.38
CA SER B 404 -24.62 -11.98 0.16
C SER B 404 -25.54 -13.05 -0.42
N ALA B 405 -25.50 -14.31 0.06
CA ALA B 405 -26.35 -15.36 -0.51
C ALA B 405 -27.82 -15.26 -0.12
N SER B 406 -28.72 -15.51 -1.07
CA SER B 406 -30.17 -15.47 -0.86
C SER B 406 -30.65 -16.63 -0.01
N PRO B 407 -31.58 -16.42 0.96
CA PRO B 407 -32.13 -17.55 1.73
C PRO B 407 -32.56 -18.71 0.83
N GLU B 408 -33.20 -18.39 -0.30
CA GLU B 408 -33.65 -19.38 -1.27
C GLU B 408 -32.48 -20.11 -1.90
N GLN B 409 -31.41 -19.39 -2.28
CA GLN B 409 -30.23 -20.05 -2.86
C GLN B 409 -29.34 -20.75 -1.83
N MET B 410 -29.55 -20.42 -0.53
CA MET B 410 -28.87 -21.03 0.60
C MET B 410 -29.45 -22.45 0.78
N ASP B 411 -30.79 -22.56 0.64
CA ASP B 411 -31.54 -23.80 0.76
C ASP B 411 -31.04 -24.86 -0.25
N VAL B 412 -30.80 -24.44 -1.50
CA VAL B 412 -30.32 -25.33 -2.59
C VAL B 412 -28.85 -25.70 -2.43
N ALA B 413 -27.98 -24.71 -2.09
CA ALA B 413 -26.55 -24.93 -1.86
C ALA B 413 -26.36 -25.99 -0.75
N PHE B 414 -27.15 -25.88 0.34
CA PHE B 414 -27.15 -26.78 1.48
C PHE B 414 -27.87 -28.08 1.18
N GLN B 415 -28.82 -28.06 0.22
CA GLN B 415 -29.55 -29.26 -0.22
C GLN B 415 -28.54 -30.14 -0.96
N VAL B 416 -27.67 -29.50 -1.75
CA VAL B 416 -26.60 -30.14 -2.52
C VAL B 416 -25.62 -30.83 -1.56
N LEU B 417 -24.95 -30.03 -0.71
CA LEU B 417 -23.95 -30.49 0.27
C LEU B 417 -24.39 -31.71 1.05
N ALA B 418 -25.64 -31.68 1.56
CA ALA B 418 -26.25 -32.72 2.38
C ALA B 418 -26.21 -34.09 1.75
N GLN B 419 -26.86 -34.27 0.58
CA GLN B 419 -26.87 -35.59 -0.05
C GLN B 419 -25.55 -36.01 -0.69
N LEU B 420 -24.60 -35.08 -0.82
CA LEU B 420 -23.27 -35.40 -1.31
C LEU B 420 -22.46 -36.09 -0.21
N ILE B 421 -22.57 -35.59 1.05
CA ILE B 421 -21.91 -36.19 2.24
C ILE B 421 -22.55 -37.58 2.42
N LYS B 422 -23.90 -37.66 2.26
CA LYS B 422 -24.69 -38.89 2.33
C LYS B 422 -24.28 -39.89 1.25
N GLU B 423 -23.68 -39.40 0.14
CA GLU B 423 -23.17 -40.20 -0.97
C GLU B 423 -21.70 -40.60 -0.70
N SER B 424 -21.01 -39.78 0.11
CA SER B 424 -19.61 -39.96 0.51
C SER B 424 -19.44 -40.73 1.83
N LEU B 425 -20.55 -41.03 2.50
CA LEU B 425 -20.55 -41.77 3.76
C LEU B 425 -20.44 -43.30 3.53
#